data_1CQ4
# 
_entry.id   1CQ4 
# 
_audit_conform.dict_name       mmcif_pdbx.dic 
_audit_conform.dict_version    5.375 
_audit_conform.dict_location   http://mmcif.pdb.org/dictionaries/ascii/mmcif_pdbx.dic 
# 
loop_
_database_2.database_id 
_database_2.database_code 
_database_2.pdbx_database_accession 
_database_2.pdbx_DOI 
PDB   1CQ4         pdb_00001cq4 10.2210/pdb1cq4/pdb 
RCSB  RCSB008249   ?            ?                   
WWPDB D_1000008249 ?            ?                   
# 
_pdbx_database_status.status_code                     REL 
_pdbx_database_status.entry_id                        1CQ4 
_pdbx_database_status.recvd_initial_deposition_date   1998-11-17 
_pdbx_database_status.deposit_site                    BNL 
_pdbx_database_status.process_site                    RCSB 
_pdbx_database_status.status_code_sf                  REL 
_pdbx_database_status.SG_entry                        . 
_pdbx_database_status.pdb_format_compatible           Y 
_pdbx_database_status.status_code_mr                  ? 
_pdbx_database_status.status_code_cs                  ? 
_pdbx_database_status.status_code_nmr_data            ? 
_pdbx_database_status.methods_development_category    ? 
# 
loop_
_audit_author.name 
_audit_author.pdbx_ordinal 
'Chen, Y.W.'  1 
'Stott, K.R.' 2 
# 
loop_
_citation.id 
_citation.title 
_citation.journal_abbrev 
_citation.journal_volume 
_citation.page_first 
_citation.page_last 
_citation.year 
_citation.journal_id_ASTM 
_citation.country 
_citation.journal_id_ISSN 
_citation.journal_id_CSD 
_citation.book_publisher 
_citation.pdbx_database_id_PubMed 
_citation.pdbx_database_id_DOI 
primary 'Crystal structure of a dimeric chymotrypsin inhibitor 2 mutant containing an inserted glutamine repeat.' 
Proc.Natl.Acad.Sci.USA 96  1257 1261 1999 PNASA6 US 0027-8424 0040 ? 9990011 10.1073/pnas.96.4.1257 
1       
'Glutamine, Alanine or Glycine Repeats Inserted Into the Loop of a Protein Have Minimal Effects on Stability and Folding Rates' 
J.Mol.Biol.            273 330  ?    1997 JMOBAK UK 0022-2836 0070 ? ?       ?                      
2       
;Towards the Complete Structural Characterization of a Protein Folding Pathway: The Structures of the Denatured, Transition and Native States for the Association/Folding of Two Complementary Fragments of Cleaved Chymotrypsin Inhibitor 2. Direction Evidence for a Nucleation-Condensation Mechanism
;
Fold.Des.              1   189  ?    1996 ?      UK 1359-0278 ?    ? ?       ?                      
3       'Incorporation of Glutamine Repeats Makes Protein Oligomerize: Implications for Neurodegenerative Diseases' 
Proc.Natl.Acad.Sci.USA 92  6509 ?    1995 PNASA6 US 0027-8424 0040 ? ?       ?                      
4       'Crystal and Molecular Structure of the Serine Proteinase Inhibitor Ci-2 from Barley Seeds' Biochemistry           26  261 
?    1987 BICHAW US 0006-2960 0033 ? ?       ?                      
5       
;The Determination of the Three-Dimensional Structure of Barley Serine Proteinase Inhibitor 2 by Nuclear Magnetic Resonance, Distance Geometry and Restrained Molecular Dynamics
;
'Protein Eng.'         1   305  ?    1987 PRENE9 UK 0269-2139 0859 ? ?       ?                      
# 
loop_
_citation_author.citation_id 
_citation_author.name 
_citation_author.ordinal 
_citation_author.identifier_ORCID 
primary 'Chen, Y.W.'       1  ? 
primary 'Stott, K.'        2  ? 
primary 'Perutz, M.F.'     3  ? 
1       'Ladurner, A.G.'   4  ? 
1       'Fersht, A.R.'     5  ? 
2       'Neira, J.L.'      6  ? 
2       'Davis, B.'        7  ? 
2       'Ladurner, A.G.'   8  ? 
2       'Buckle, A.M.'     9  ? 
2       'De Prat Gay, G.'  10 ? 
2       'Fersht, A.R.'     11 ? 
3       'Stott, K.'        12 ? 
3       'Blackburn, J.M.'  13 ? 
3       'Butler, P.J.G.'   14 ? 
3       'Perutz, M.'       15 ? 
4       'Mcphalen, C.A.'   16 ? 
4       'James, M.N.G.'    17 ? 
5       'Clore, G.M.'      18 ? 
5       'Gronenborn, A.M.' 19 ? 
5       'Kjaer, M.'        20 ? 
5       'Poulsen, F.M.'    21 ? 
# 
_cell.entry_id           1CQ4 
_cell.length_a           68.267 
_cell.length_b           68.267 
_cell.length_c           60.833 
_cell.angle_alpha        90.00 
_cell.angle_beta         90.00 
_cell.angle_gamma        120.00 
_cell.Z_PDB              12 
_cell.pdbx_unique_axis   ? 
# 
_symmetry.entry_id                         1CQ4 
_symmetry.space_group_name_H-M             'P 6 2 2' 
_symmetry.pdbx_full_space_group_name_H-M   ? 
_symmetry.cell_setting                     ? 
_symmetry.Int_Tables_number                177 
# 
loop_
_entity.id 
_entity.type 
_entity.src_method 
_entity.pdbx_description 
_entity.formula_weight 
_entity.pdbx_number_of_molecules 
_entity.pdbx_ec 
_entity.pdbx_mutation 
_entity.pdbx_fragment 
_entity.details 
1 polymer     man 'PROTEIN (SERINE PROTEINASE INHIBITOR 2)' 5212.127 1  ? YES ? 'EXISTS AS A1B2/A2B1 DOMAIN-SWAPPED DIMER' 
2 polymer     man 'PROTEIN (SERINE PROTEINASE INHIBITOR 2)' 2877.325 1  ? YES ? 'EXISTS AS A1B2/A2B1 DOMAIN-SWAPPED DIMER' 
3 non-polymer syn 'SULFATE ION'                             96.063   1  ? ?   ? ?                                          
4 water       nat water                                     18.015   55 ? ?   ? ?                                          
# 
loop_
_entity_name_com.entity_id 
_entity_name_com.name 
1 'CHYMOTRYPSIN INHIBITOR 2, CI2' 
2 'CHYMOTRYPSIN INHIBITOR 2, CI2' 
# 
loop_
_entity_poly.entity_id 
_entity_poly.type 
_entity_poly.nstd_linkage 
_entity_poly.nstd_monomer 
_entity_poly.pdbx_seq_one_letter_code 
_entity_poly.pdbx_seq_one_letter_code_can 
_entity_poly.pdbx_strand_id 
_entity_poly.pdbx_target_identifier 
1 'polypeptide(L)' no no MKTEWPELVGKSVEEAKKVILQDKPEAQIIVLPVGTIVTMGQQQQGM MKTEWPELVGKSVEEAKKVILQDKPEAQIIVLPVGTIVTMGQQQQGM A ? 
2 'polypeptide(L)' no no EYRIDRVRLFVDKLDNIAQVPRVG                        EYRIDRVRLFVDKLDNIAQVPRVG                        B ? 
# 
loop_
_entity_poly_seq.entity_id 
_entity_poly_seq.num 
_entity_poly_seq.mon_id 
_entity_poly_seq.hetero 
1 1  MET n 
1 2  LYS n 
1 3  THR n 
1 4  GLU n 
1 5  TRP n 
1 6  PRO n 
1 7  GLU n 
1 8  LEU n 
1 9  VAL n 
1 10 GLY n 
1 11 LYS n 
1 12 SER n 
1 13 VAL n 
1 14 GLU n 
1 15 GLU n 
1 16 ALA n 
1 17 LYS n 
1 18 LYS n 
1 19 VAL n 
1 20 ILE n 
1 21 LEU n 
1 22 GLN n 
1 23 ASP n 
1 24 LYS n 
1 25 PRO n 
1 26 GLU n 
1 27 ALA n 
1 28 GLN n 
1 29 ILE n 
1 30 ILE n 
1 31 VAL n 
1 32 LEU n 
1 33 PRO n 
1 34 VAL n 
1 35 GLY n 
1 36 THR n 
1 37 ILE n 
1 38 VAL n 
1 39 THR n 
1 40 MET n 
1 41 GLY n 
1 42 GLN n 
1 43 GLN n 
1 44 GLN n 
1 45 GLN n 
1 46 GLY n 
1 47 MET n 
2 1  GLU n 
2 2  TYR n 
2 3  ARG n 
2 4  ILE n 
2 5  ASP n 
2 6  ARG n 
2 7  VAL n 
2 8  ARG n 
2 9  LEU n 
2 10 PHE n 
2 11 VAL n 
2 12 ASP n 
2 13 LYS n 
2 14 LEU n 
2 15 ASP n 
2 16 ASN n 
2 17 ILE n 
2 18 ALA n 
2 19 GLN n 
2 20 VAL n 
2 21 PRO n 
2 22 ARG n 
2 23 VAL n 
2 24 GLY n 
# 
loop_
_entity_src_gen.entity_id 
_entity_src_gen.pdbx_src_id 
_entity_src_gen.pdbx_alt_source_flag 
_entity_src_gen.pdbx_seq_type 
_entity_src_gen.pdbx_beg_seq_num 
_entity_src_gen.pdbx_end_seq_num 
_entity_src_gen.gene_src_common_name 
_entity_src_gen.gene_src_genus 
_entity_src_gen.pdbx_gene_src_gene 
_entity_src_gen.gene_src_species 
_entity_src_gen.gene_src_strain 
_entity_src_gen.gene_src_tissue 
_entity_src_gen.gene_src_tissue_fraction 
_entity_src_gen.gene_src_details 
_entity_src_gen.pdbx_gene_src_fragment 
_entity_src_gen.pdbx_gene_src_scientific_name 
_entity_src_gen.pdbx_gene_src_ncbi_taxonomy_id 
_entity_src_gen.pdbx_gene_src_variant 
_entity_src_gen.pdbx_gene_src_cell_line 
_entity_src_gen.pdbx_gene_src_atcc 
_entity_src_gen.pdbx_gene_src_organ 
_entity_src_gen.pdbx_gene_src_organelle 
_entity_src_gen.pdbx_gene_src_cell 
_entity_src_gen.pdbx_gene_src_cellular_location 
_entity_src_gen.host_org_common_name 
_entity_src_gen.pdbx_host_org_scientific_name 
_entity_src_gen.pdbx_host_org_ncbi_taxonomy_id 
_entity_src_gen.host_org_genus 
_entity_src_gen.pdbx_host_org_gene 
_entity_src_gen.pdbx_host_org_organ 
_entity_src_gen.host_org_species 
_entity_src_gen.pdbx_host_org_tissue 
_entity_src_gen.pdbx_host_org_tissue_fraction 
_entity_src_gen.pdbx_host_org_strain 
_entity_src_gen.pdbx_host_org_variant 
_entity_src_gen.pdbx_host_org_cell_line 
_entity_src_gen.pdbx_host_org_atcc 
_entity_src_gen.pdbx_host_org_culture_collection 
_entity_src_gen.pdbx_host_org_cell 
_entity_src_gen.pdbx_host_org_organelle 
_entity_src_gen.pdbx_host_org_cellular_location 
_entity_src_gen.pdbx_host_org_vector_type 
_entity_src_gen.pdbx_host_org_vector 
_entity_src_gen.host_org_details 
_entity_src_gen.expression_system_id 
_entity_src_gen.plasmid_name 
_entity_src_gen.plasmid_details 
_entity_src_gen.pdbx_description 
1 1 sample ? ? ? ? Hordeum ? ? HIPROLY ? ? ? ? 'Hordeum vulgare' 4513 ? ? ? ? ? ? ? ? 'Escherichia coli' 562 Escherichia ? ? ? ? ? 
? NM554 ? ? ? ? ? ? ? ? ? ? PCI2-Q4I ? ? 
2 1 sample ? ? ? ? Hordeum ? ? HIPROLY ? ? ? ? 'Hordeum vulgare' 4513 ? ? ? ? ? ? ? ? 'Escherichia coli' 562 Escherichia ? ? ? ? ? 
? NM554 ? ? ? ? ? ? ? ? ? ? PCI2-Q4I ? ? 
# 
loop_
_struct_ref.id 
_struct_ref.db_name 
_struct_ref.db_code 
_struct_ref.pdbx_db_accession 
_struct_ref.entity_id 
_struct_ref.pdbx_align_begin 
_struct_ref.pdbx_db_isoform 
_struct_ref.pdbx_seq_one_letter_code 
1 UNP ICI2_HORVU P01053 1 21 ? ? 
2 UNP ICI2_HORVU P01053 2 60 ? ? 
# 
loop_
_struct_ref_seq.align_id 
_struct_ref_seq.ref_id 
_struct_ref_seq.pdbx_PDB_id_code 
_struct_ref_seq.pdbx_strand_id 
_struct_ref_seq.seq_align_beg 
_struct_ref_seq.pdbx_seq_align_beg_ins_code 
_struct_ref_seq.seq_align_end 
_struct_ref_seq.pdbx_seq_align_end_ins_code 
_struct_ref_seq.pdbx_db_accession 
_struct_ref_seq.db_align_beg 
_struct_ref_seq.pdbx_db_align_beg_ins_code 
_struct_ref_seq.db_align_end 
_struct_ref_seq.pdbx_db_align_end_ins_code 
_struct_ref_seq.pdbx_auth_seq_align_beg 
_struct_ref_seq.pdbx_auth_seq_align_end 
1 1 1CQ4 A 2 ? 39 ? P01053 21 ? 59 ? 21 58 
2 2 1CQ4 B 1 ? 24 ? P01053 60 ? 83 ? 60 83 
# 
loop_
_struct_ref_seq_dif.align_id 
_struct_ref_seq_dif.pdbx_pdb_id_code 
_struct_ref_seq_dif.mon_id 
_struct_ref_seq_dif.pdbx_pdb_strand_id 
_struct_ref_seq_dif.seq_num 
_struct_ref_seq_dif.pdbx_pdb_ins_code 
_struct_ref_seq_dif.pdbx_seq_db_name 
_struct_ref_seq_dif.pdbx_seq_db_accession_code 
_struct_ref_seq_dif.db_mon_id 
_struct_ref_seq_dif.pdbx_seq_db_seq_num 
_struct_ref_seq_dif.details 
_struct_ref_seq_dif.pdbx_auth_seq_num 
_struct_ref_seq_dif.pdbx_ordinal 
1 1CQ4 MET A 1  ? UNP P01053 LEU 20 'engineered mutation' 20 1 
1 1CQ4 GLY A 41 ? UNP P01053 ?   ?  insertion             60 2 
1 1CQ4 GLN A 42 ? UNP P01053 ?   ?  insertion             61 3 
1 1CQ4 GLN A 43 ? UNP P01053 ?   ?  insertion             62 4 
1 1CQ4 GLN A 44 ? UNP P01053 ?   ?  insertion             63 5 
1 1CQ4 GLN A 45 ? UNP P01053 ?   ?  insertion             64 6 
1 1CQ4 GLY A 46 ? UNP P01053 ?   ?  insertion             65 7 
1 1CQ4 MET A 47 ? UNP P01053 ?   ?  insertion             66 8 
# 
loop_
_chem_comp.id 
_chem_comp.type 
_chem_comp.mon_nstd_flag 
_chem_comp.name 
_chem_comp.pdbx_synonyms 
_chem_comp.formula 
_chem_comp.formula_weight 
ALA 'L-peptide linking' y ALANINE         ? 'C3 H7 N O2'     89.093  
ARG 'L-peptide linking' y ARGININE        ? 'C6 H15 N4 O2 1' 175.209 
ASN 'L-peptide linking' y ASPARAGINE      ? 'C4 H8 N2 O3'    132.118 
ASP 'L-peptide linking' y 'ASPARTIC ACID' ? 'C4 H7 N O4'     133.103 
GLN 'L-peptide linking' y GLUTAMINE       ? 'C5 H10 N2 O3'   146.144 
GLU 'L-peptide linking' y 'GLUTAMIC ACID' ? 'C5 H9 N O4'     147.129 
GLY 'peptide linking'   y GLYCINE         ? 'C2 H5 N O2'     75.067  
HOH non-polymer         . WATER           ? 'H2 O'           18.015  
ILE 'L-peptide linking' y ISOLEUCINE      ? 'C6 H13 N O2'    131.173 
LEU 'L-peptide linking' y LEUCINE         ? 'C6 H13 N O2'    131.173 
LYS 'L-peptide linking' y LYSINE          ? 'C6 H15 N2 O2 1' 147.195 
MET 'L-peptide linking' y METHIONINE      ? 'C5 H11 N O2 S'  149.211 
PHE 'L-peptide linking' y PHENYLALANINE   ? 'C9 H11 N O2'    165.189 
PRO 'L-peptide linking' y PROLINE         ? 'C5 H9 N O2'     115.130 
SER 'L-peptide linking' y SERINE          ? 'C3 H7 N O3'     105.093 
SO4 non-polymer         . 'SULFATE ION'   ? 'O4 S -2'        96.063  
THR 'L-peptide linking' y THREONINE       ? 'C4 H9 N O3'     119.119 
TRP 'L-peptide linking' y TRYPTOPHAN      ? 'C11 H12 N2 O2'  204.225 
TYR 'L-peptide linking' y TYROSINE        ? 'C9 H11 N O3'    181.189 
VAL 'L-peptide linking' y VALINE          ? 'C5 H11 N O2'    117.146 
# 
_exptl.entry_id          1CQ4 
_exptl.method            'X-RAY DIFFRACTION' 
_exptl.crystals_number   1 
# 
_exptl_crystal.id                    1 
_exptl_crystal.density_meas          ? 
_exptl_crystal.density_Matthews      2.60 
_exptl_crystal.density_percent_sol   53.0 
_exptl_crystal.description           ? 
# 
_exptl_crystal_grow.crystal_id      1 
_exptl_crystal_grow.method          ? 
_exptl_crystal_grow.temp            ? 
_exptl_crystal_grow.temp_details    ? 
_exptl_crystal_grow.pH              7.5 
_exptl_crystal_grow.pdbx_details    
;DROPS WERE PREPARED BY MIXING 2 MICROLITERS OF PURIFIED DIMER AT 25MG/ML WITH AN EQUAL VOLUME OF BUFFER (30% W/V PEG-400, 1.0 M LITHIUM SULPHATE, AND 1 MM CALCIUM CHLORIDE, IN 0.1 M TRIS-HCL AT PH 7.5), WHICH WAS ALSO USED AS THE WELL BUFFER (1 ML).
;
_exptl_crystal_grow.pdbx_pH_range   . 
# 
_diffrn.id                     1 
_diffrn.ambient_temp           100.0 
_diffrn.ambient_temp_details   ? 
_diffrn.crystal_id             1 
# 
_diffrn_detector.diffrn_id              1 
_diffrn_detector.detector               'IMAGE PLATE' 
_diffrn_detector.type                   MARRESEARCH 
_diffrn_detector.pdbx_collection_date   1996-06-24 
_diffrn_detector.details                'BENT MIRROR' 
# 
_diffrn_radiation.diffrn_id                        1 
_diffrn_radiation.wavelength_id                    1 
_diffrn_radiation.pdbx_monochromatic_or_laue_m_l   M 
_diffrn_radiation.monochromator                    ? 
_diffrn_radiation.pdbx_diffrn_protocol             'SINGLE WAVELENGTH' 
_diffrn_radiation.pdbx_scattering_type             x-ray 
# 
_diffrn_radiation_wavelength.id           1 
_diffrn_radiation_wavelength.wavelength   0.912 
_diffrn_radiation_wavelength.wt           1.0 
# 
_diffrn_source.diffrn_id                   1 
_diffrn_source.source                      SYNCHROTRON 
_diffrn_source.type                        'EMBL/DESY, HAMBURG BEAMLINE X11' 
_diffrn_source.pdbx_synchrotron_site       'EMBL/DESY, HAMBURG' 
_diffrn_source.pdbx_synchrotron_beamline   X11 
_diffrn_source.pdbx_wavelength             0.912 
_diffrn_source.pdbx_wavelength_list        ? 
# 
_reflns.entry_id                     1CQ4 
_reflns.observed_criterion_sigma_I   ? 
_reflns.observed_criterion_sigma_F   ? 
_reflns.d_resolution_low             22.300 
_reflns.d_resolution_high            1.800 
_reflns.number_obs                   8153 
_reflns.number_all                   ? 
_reflns.percent_possible_obs         99.7 
_reflns.pdbx_Rmerge_I_obs            0.0810000 
_reflns.pdbx_Rsym_value              0.0780000 
_reflns.pdbx_netI_over_sigmaI        3.6000 
_reflns.B_iso_Wilson_estimate        23.50 
_reflns.pdbx_redundancy              10.60 
_reflns.R_free_details               ? 
_reflns.limit_h_max                  ? 
_reflns.limit_h_min                  ? 
_reflns.limit_k_max                  ? 
_reflns.limit_k_min                  ? 
_reflns.limit_l_max                  ? 
_reflns.limit_l_min                  ? 
_reflns.observed_criterion_F_max     ? 
_reflns.observed_criterion_F_min     ? 
_reflns.pdbx_ordinal                 1 
_reflns.pdbx_diffrn_id               1 
# 
_reflns_shell.d_res_high             1.80 
_reflns_shell.d_res_low              1.90 
_reflns_shell.percent_possible_all   100.0 
_reflns_shell.Rmerge_I_obs           0.3380000 
_reflns_shell.pdbx_Rsym_value        0.3250000 
_reflns_shell.meanI_over_sigI_obs    2.300 
_reflns_shell.pdbx_redundancy        10.80 
_reflns_shell.percent_possible_obs   ? 
_reflns_shell.number_unique_all      ? 
_reflns_shell.pdbx_ordinal           1 
_reflns_shell.pdbx_diffrn_id         1 
# 
_refine.entry_id                                 1CQ4 
_refine.ls_number_reflns_obs                     7358 
_refine.ls_number_reflns_all                     ? 
_refine.pdbx_ls_sigma_I                          ? 
_refine.pdbx_ls_sigma_F                          0.000 
_refine.pdbx_data_cutoff_high_absF               ? 
_refine.pdbx_data_cutoff_low_absF                ? 
_refine.pdbx_data_cutoff_high_rms_absF           ? 
_refine.ls_d_res_low                             22.0 
_refine.ls_d_res_high                            1.80 
_refine.ls_percent_reflns_obs                    99.7 
_refine.ls_R_factor_obs                          ? 
_refine.ls_R_factor_all                          ? 
_refine.ls_R_factor_R_work                       0.2400000 
_refine.ls_R_factor_R_free                       0.3000000 
_refine.ls_R_factor_R_free_error                 ? 
_refine.ls_R_factor_R_free_error_details         ? 
_refine.ls_percent_reflns_R_free                 10.000 
_refine.ls_number_reflns_R_free                  795 
_refine.ls_number_parameters                     ? 
_refine.ls_number_restraints                     ? 
_refine.occupancy_min                            ? 
_refine.occupancy_max                            ? 
_refine.B_iso_mean                               32.20 
_refine.aniso_B[1][1]                            -6.10 
_refine.aniso_B[2][2]                            -9.00 
_refine.aniso_B[3][3]                            23.90 
_refine.aniso_B[1][2]                            -5.10 
_refine.aniso_B[1][3]                            0.00 
_refine.aniso_B[2][3]                            0.00 
_refine.solvent_model_details                    ? 
_refine.solvent_model_param_ksol                 ? 
_refine.solvent_model_param_bsol                 ? 
_refine.pdbx_ls_cross_valid_method               THROUGHOUT 
_refine.details                                  ? 
_refine.pdbx_starting_model                      'PDB ENTRY 2CI2' 
_refine.pdbx_method_to_determine_struct          'MOLECULAR REPLACEMENT' 
_refine.pdbx_isotropic_thermal_model             ? 
_refine.pdbx_stereochemistry_target_values       ? 
_refine.pdbx_stereochem_target_val_spec_case     ? 
_refine.pdbx_R_Free_selection_details            RANDOM 
_refine.pdbx_overall_ESU_R                       0.14 
_refine.pdbx_overall_ESU_R_Free                  0.15 
_refine.overall_SU_ML                            0.08 
_refine.overall_SU_B                             2.42 
_refine.ls_redundancy_reflns_obs                 ? 
_refine.B_iso_min                                ? 
_refine.B_iso_max                                ? 
_refine.pdbx_refine_id                           'X-RAY DIFFRACTION' 
_refine.pdbx_diffrn_id                           1 
_refine.pdbx_TLS_residual_ADP_flag               ? 
_refine.correlation_coeff_Fo_to_Fc               ? 
_refine.correlation_coeff_Fo_to_Fc_free          ? 
_refine.pdbx_solvent_vdw_probe_radii             ? 
_refine.pdbx_solvent_ion_probe_radii             ? 
_refine.pdbx_solvent_shrinkage_radii             ? 
_refine.pdbx_overall_phase_error                 ? 
_refine.overall_SU_R_Cruickshank_DPI             ? 
_refine.pdbx_overall_SU_R_free_Cruickshank_DPI   ? 
_refine.pdbx_overall_SU_R_Blow_DPI               ? 
_refine.pdbx_overall_SU_R_free_Blow_DPI          ? 
# 
_refine_hist.pdbx_refine_id                   'X-RAY DIFFRACTION' 
_refine_hist.cycle_id                         LAST 
_refine_hist.pdbx_number_atoms_protein        481 
_refine_hist.pdbx_number_atoms_nucleic_acid   0 
_refine_hist.pdbx_number_atoms_ligand         5 
_refine_hist.number_atoms_solvent             55 
_refine_hist.number_atoms_total               541 
_refine_hist.d_res_high                       1.80 
_refine_hist.d_res_low                        22.0 
# 
loop_
_refine_ls_restr.type 
_refine_ls_restr.dev_ideal 
_refine_ls_restr.dev_ideal_target 
_refine_ls_restr.weight 
_refine_ls_restr.number 
_refine_ls_restr.pdbx_refine_id 
_refine_ls_restr.pdbx_restraint_function 
p_bond_d            0.016  0.020  ? ? 'X-RAY DIFFRACTION' ? 
p_angle_d           0.034  0.040  ? ? 'X-RAY DIFFRACTION' ? 
p_angle_deg         ?      ?      ? ? 'X-RAY DIFFRACTION' ? 
p_planar_d          0.033  0.050  ? ? 'X-RAY DIFFRACTION' ? 
p_hb_or_metal_coord ?      ?      ? ? 'X-RAY DIFFRACTION' ? 
p_mcbond_it         1.640  2.000  ? ? 'X-RAY DIFFRACTION' ? 
p_mcangle_it        2.380  3.000  ? ? 'X-RAY DIFFRACTION' ? 
p_scbond_it         2.570  2.000  ? ? 'X-RAY DIFFRACTION' ? 
p_scangle_it        3.860  3.000  ? ? 'X-RAY DIFFRACTION' ? 
p_plane_restr       0.026  0.030  ? ? 'X-RAY DIFFRACTION' ? 
p_chiral_restr      0.150  0.150  ? ? 'X-RAY DIFFRACTION' ? 
p_singtor_nbd       0.190  0.300  ? ? 'X-RAY DIFFRACTION' ? 
p_multtor_nbd       0.250  0.300  ? ? 'X-RAY DIFFRACTION' ? 
p_xhyhbond_nbd      ?      ?      ? ? 'X-RAY DIFFRACTION' ? 
p_xyhbond_nbd       0.090  0.300  ? ? 'X-RAY DIFFRACTION' ? 
p_planar_tor        4.700  7.000  ? ? 'X-RAY DIFFRACTION' ? 
p_staggered_tor     16.900 15.000 ? ? 'X-RAY DIFFRACTION' ? 
p_orthonormal_tor   ?      ?      ? ? 'X-RAY DIFFRACTION' ? 
p_transverse_tor    8.800  20.000 ? ? 'X-RAY DIFFRACTION' ? 
p_special_tor       15.000 ?      ? ? 'X-RAY DIFFRACTION' ? 
# 
_struct.entry_id                  1CQ4 
_struct.title                     'CI2 MUTANT WITH TETRAGLUTAMINE (MGQQQQGM) REPLACING MET59' 
_struct.pdbx_model_details        ? 
_struct.pdbx_CASP_flag            ? 
_struct.pdbx_model_type_details   ? 
# 
_struct_keywords.entry_id        1CQ4 
_struct_keywords.pdbx_keywords   'HYDROLASE INHIBITOR' 
_struct_keywords.text            
'SERINE PROTEASE INHIBITOR, POLYGLUTAMINE INSERTION MUTANT, SUBTILISIN- CHYMOTRYPSIN INHIBITOR-2, IMMUNE SYSTEM, HYDROLASE INHIBITOR' 
# 
loop_
_struct_asym.id 
_struct_asym.pdbx_blank_PDB_chainid_flag 
_struct_asym.pdbx_modified 
_struct_asym.entity_id 
_struct_asym.details 
A N N 1 ? 
B N N 2 ? 
C N N 3 ? 
D N N 4 ? 
E N N 4 ? 
# 
_struct_biol.id   1 
# 
loop_
_struct_conf.conf_type_id 
_struct_conf.id 
_struct_conf.pdbx_PDB_helix_id 
_struct_conf.beg_label_comp_id 
_struct_conf.beg_label_asym_id 
_struct_conf.beg_label_seq_id 
_struct_conf.pdbx_beg_PDB_ins_code 
_struct_conf.end_label_comp_id 
_struct_conf.end_label_asym_id 
_struct_conf.end_label_seq_id 
_struct_conf.pdbx_end_PDB_ins_code 
_struct_conf.beg_auth_comp_id 
_struct_conf.beg_auth_asym_id 
_struct_conf.beg_auth_seq_id 
_struct_conf.end_auth_comp_id 
_struct_conf.end_auth_asym_id 
_struct_conf.end_auth_seq_id 
_struct_conf.pdbx_PDB_helix_class 
_struct_conf.details 
_struct_conf.pdbx_PDB_helix_length 
HELX_P HELX_P1 1 TRP A 5  ? VAL A 9  ? TRP A 24 VAL A 28 5 ? 5  
HELX_P HELX_P2 2 SER A 12 ? LYS A 24 ? SER A 31 LYS A 43 1 ? 13 
# 
_struct_conf_type.id          HELX_P 
_struct_conf_type.criteria    ? 
_struct_conf_type.reference   ? 
# 
_struct_sheet.id               A 
_struct_sheet.type             ? 
_struct_sheet.number_strands   2 
_struct_sheet.details          ? 
# 
_struct_sheet_order.sheet_id     A 
_struct_sheet_order.range_id_1   1 
_struct_sheet_order.range_id_2   2 
_struct_sheet_order.offset       ? 
_struct_sheet_order.sense        anti-parallel 
# 
loop_
_struct_sheet_range.sheet_id 
_struct_sheet_range.id 
_struct_sheet_range.beg_label_comp_id 
_struct_sheet_range.beg_label_asym_id 
_struct_sheet_range.beg_label_seq_id 
_struct_sheet_range.pdbx_beg_PDB_ins_code 
_struct_sheet_range.end_label_comp_id 
_struct_sheet_range.end_label_asym_id 
_struct_sheet_range.end_label_seq_id 
_struct_sheet_range.pdbx_end_PDB_ins_code 
_struct_sheet_range.beg_auth_comp_id 
_struct_sheet_range.beg_auth_asym_id 
_struct_sheet_range.beg_auth_seq_id 
_struct_sheet_range.end_auth_comp_id 
_struct_sheet_range.end_auth_asym_id 
_struct_sheet_range.end_auth_seq_id 
A 1 VAL B 7  ? ARG B 8  ? VAL B 66 ARG B 67 
A 2 ARG B 22 ? VAL B 23 ? ARG B 81 VAL B 82 
# 
_pdbx_struct_sheet_hbond.sheet_id                A 
_pdbx_struct_sheet_hbond.range_id_1              1 
_pdbx_struct_sheet_hbond.range_id_2              2 
_pdbx_struct_sheet_hbond.range_1_label_atom_id   N 
_pdbx_struct_sheet_hbond.range_1_label_comp_id   ARG 
_pdbx_struct_sheet_hbond.range_1_label_asym_id   B 
_pdbx_struct_sheet_hbond.range_1_label_seq_id    8 
_pdbx_struct_sheet_hbond.range_1_PDB_ins_code    ? 
_pdbx_struct_sheet_hbond.range_1_auth_atom_id    N 
_pdbx_struct_sheet_hbond.range_1_auth_comp_id    ARG 
_pdbx_struct_sheet_hbond.range_1_auth_asym_id    B 
_pdbx_struct_sheet_hbond.range_1_auth_seq_id     67 
_pdbx_struct_sheet_hbond.range_2_label_atom_id   O 
_pdbx_struct_sheet_hbond.range_2_label_comp_id   ARG 
_pdbx_struct_sheet_hbond.range_2_label_asym_id   B 
_pdbx_struct_sheet_hbond.range_2_label_seq_id    22 
_pdbx_struct_sheet_hbond.range_2_PDB_ins_code    ? 
_pdbx_struct_sheet_hbond.range_2_auth_atom_id    O 
_pdbx_struct_sheet_hbond.range_2_auth_comp_id    ARG 
_pdbx_struct_sheet_hbond.range_2_auth_asym_id    B 
_pdbx_struct_sheet_hbond.range_2_auth_seq_id     81 
# 
_struct_site.id                   AC1 
_struct_site.pdbx_evidence_code   Software 
_struct_site.pdbx_auth_asym_id    B 
_struct_site.pdbx_auth_comp_id    SO4 
_struct_site.pdbx_auth_seq_id     1001 
_struct_site.pdbx_auth_ins_code   ? 
_struct_site.pdbx_num_residues    5 
_struct_site.details              'BINDING SITE FOR RESIDUE SO4 B 1001' 
# 
loop_
_struct_site_gen.id 
_struct_site_gen.site_id 
_struct_site_gen.pdbx_num_res 
_struct_site_gen.label_comp_id 
_struct_site_gen.label_asym_id 
_struct_site_gen.label_seq_id 
_struct_site_gen.pdbx_auth_ins_code 
_struct_site_gen.auth_comp_id 
_struct_site_gen.auth_asym_id 
_struct_site_gen.auth_seq_id 
_struct_site_gen.label_atom_id 
_struct_site_gen.label_alt_id 
_struct_site_gen.symmetry 
_struct_site_gen.details 
1 AC1 5 ARG B 3  ? ARG B 62 . ? 5_555 ? 
2 AC1 5 ARG B 6  ? ARG B 65 . ? 5_555 ? 
3 AC1 5 GLN B 19 ? GLN B 78 . ? 1_555 ? 
4 AC1 5 VAL B 20 ? VAL B 79 . ? 1_555 ? 
5 AC1 5 ARG B 22 ? ARG B 81 . ? 1_555 ? 
# 
_atom_sites.entry_id                    1CQ4 
_atom_sites.fract_transf_matrix[1][1]   0.00377226 
_atom_sites.fract_transf_matrix[1][2]   0.01509566 
_atom_sites.fract_transf_matrix[1][3]   -0.00663142 
_atom_sites.fract_transf_matrix[2][1]   -0.00016127 
_atom_sites.fract_transf_matrix[2][2]   0.00214617 
_atom_sites.fract_transf_matrix[2][3]   -0.01677651 
_atom_sites.fract_transf_matrix[3][1]   -0.01585840 
_atom_sites.fract_transf_matrix[3][2]   0.00426978 
_atom_sites.fract_transf_matrix[3][3]   0.00069866 
_atom_sites.fract_transf_vector[1]      -0.116369 
_atom_sites.fract_transf_vector[2]      -0.357444 
_atom_sites.fract_transf_vector[3]      0.283745 
# 
loop_
_atom_type.symbol 
C 
N 
O 
S 
# 
loop_
_atom_site.group_PDB 
_atom_site.id 
_atom_site.type_symbol 
_atom_site.label_atom_id 
_atom_site.label_alt_id 
_atom_site.label_comp_id 
_atom_site.label_asym_id 
_atom_site.label_entity_id 
_atom_site.label_seq_id 
_atom_site.pdbx_PDB_ins_code 
_atom_site.Cartn_x 
_atom_site.Cartn_y 
_atom_site.Cartn_z 
_atom_site.occupancy 
_atom_site.B_iso_or_equiv 
_atom_site.pdbx_formal_charge 
_atom_site.auth_seq_id 
_atom_site.auth_comp_id 
_atom_site.auth_asym_id 
_atom_site.auth_atom_id 
_atom_site.pdbx_PDB_model_num 
ATOM   1   N N   . LYS A 1 2  ? 7.121   1.226   11.807  1.00 39.86 ? 21   LYS A N   1 
ATOM   2   C CA  . LYS A 1 2  ? 6.503   0.162   10.950  1.00 40.19 ? 21   LYS A CA  1 
ATOM   3   C C   . LYS A 1 2  ? 6.681   0.575   9.503   1.00 37.18 ? 21   LYS A C   1 
ATOM   4   O O   . LYS A 1 2  ? 6.433   1.719   9.087   1.00 36.77 ? 21   LYS A O   1 
ATOM   5   C CB  . LYS A 1 2  ? 5.072   -0.184  11.312  1.00 41.91 ? 21   LYS A CB  1 
ATOM   6   C CG  . LYS A 1 2  ? 4.488   -1.352  10.504  1.00 42.45 ? 21   LYS A CG  1 
ATOM   7   C CD  . LYS A 1 2  ? 2.973   -1.408  10.637  1.00 42.16 ? 21   LYS A CD  1 
ATOM   8   C CE  . LYS A 1 2  ? 2.439   -2.821  10.418  1.00 42.27 ? 21   LYS A CE  1 
ATOM   9   N NZ  . LYS A 1 2  ? 0.941   -2.820  10.561  1.00 42.76 ? 21   LYS A NZ  1 
ATOM   10  N N   . THR A 1 3  ? 7.274   -0.338  8.725   1.00 35.46 ? 22   THR A N   1 
ATOM   11  C CA  . THR A 1 3  ? 7.615   -0.046  7.341   1.00 33.62 ? 22   THR A CA  1 
ATOM   12  C C   . THR A 1 3  ? 6.920   -1.020  6.392   1.00 32.87 ? 22   THR A C   1 
ATOM   13  O O   . THR A 1 3  ? 7.080   -0.792  5.189   1.00 32.22 ? 22   THR A O   1 
ATOM   14  C CB  . THR A 1 3  ? 9.149   -0.196  7.177   1.00 34.64 ? 22   THR A CB  1 
ATOM   15  O OG1 . THR A 1 3  ? 9.505   -1.457  7.731   1.00 37.31 ? 22   THR A OG1 1 
ATOM   16  C CG2 . THR A 1 3  ? 9.895   0.867   7.990   1.00 36.82 ? 22   THR A CG2 1 
ATOM   17  N N   . GLU A 1 4  ? 6.278   -2.045  6.955   1.00 28.69 ? 23   GLU A N   1 
ATOM   18  C CA  . GLU A 1 4  ? 5.668   -3.041  5.990   1.00 30.56 ? 23   GLU A CA  1 
ATOM   19  C C   . GLU A 1 4  ? 4.369   -3.544  6.526   1.00 27.82 ? 23   GLU A C   1 
ATOM   20  O O   . GLU A 1 4  ? 4.100   -3.632  7.755   1.00 29.04 ? 23   GLU A O   1 
ATOM   21  C CB  . GLU A 1 4  ? 6.712   -4.092  5.657   1.00 34.45 ? 23   GLU A CB  1 
ATOM   22  C CG  . GLU A 1 4  ? 7.118   -5.063  6.737   1.00 42.53 ? 23   GLU A CG  1 
ATOM   23  C CD  . GLU A 1 4  ? 7.859   -6.313  6.321   1.00 47.79 ? 23   GLU A CD  1 
ATOM   24  O OE1 . GLU A 1 4  ? 7.244   -7.342  5.939   1.00 51.62 ? 23   GLU A OE1 1 
ATOM   25  O OE2 . GLU A 1 4  ? 9.115   -6.382  6.419   1.00 50.47 ? 23   GLU A OE2 1 
ATOM   26  N N   . TRP A 1 5  ? 3.403   -3.933  5.651   1.00 25.88 ? 24   TRP A N   1 
ATOM   27  C CA  . TRP A 1 5  ? 2.081   -4.330  6.013   1.00 25.70 ? 24   TRP A CA  1 
ATOM   28  C C   . TRP A 1 5  ? 1.659   -5.660  5.361   1.00 27.60 ? 24   TRP A C   1 
ATOM   29  O O   . TRP A 1 5  ? 0.768   -5.693  4.516   1.00 27.57 ? 24   TRP A O   1 
ATOM   30  C CB  . TRP A 1 5  ? 1.022   -3.273  5.582   1.00 26.20 ? 24   TRP A CB  1 
ATOM   31  C CG  . TRP A 1 5  ? 1.085   -2.046  6.460   1.00 26.29 ? 24   TRP A CG  1 
ATOM   32  C CD1 . TRP A 1 5  ? 0.233   -1.763  7.484   1.00 27.68 ? 24   TRP A CD1 1 
ATOM   33  C CD2 . TRP A 1 5  ? 1.953   -0.917  6.291   1.00 26.97 ? 24   TRP A CD2 1 
ATOM   34  N NE1 . TRP A 1 5  ? 0.569   -0.528  8.023   1.00 29.68 ? 24   TRP A NE1 1 
ATOM   35  C CE2 . TRP A 1 5  ? 1.621   -0.019  7.318   1.00 26.96 ? 24   TRP A CE2 1 
ATOM   36  C CE3 . TRP A 1 5  ? 2.966   -0.578  5.406   1.00 26.35 ? 24   TRP A CE3 1 
ATOM   37  C CZ2 . TRP A 1 5  ? 2.235   1.254   7.468   1.00 26.38 ? 24   TRP A CZ2 1 
ATOM   38  C CZ3 . TRP A 1 5  ? 3.608   0.658   5.542   1.00 26.97 ? 24   TRP A CZ3 1 
ATOM   39  C CH2 . TRP A 1 5  ? 3.253   1.514   6.600   1.00 27.55 ? 24   TRP A CH2 1 
ATOM   40  N N   . PRO A 1 6  ? 2.276   -6.726  5.817   1.00 29.24 ? 25   PRO A N   1 
ATOM   41  C CA  . PRO A 1 6  ? 1.983   -8.054  5.190   1.00 29.16 ? 25   PRO A CA  1 
ATOM   42  C C   . PRO A 1 6  ? 0.580   -8.489  5.481   1.00 28.33 ? 25   PRO A C   1 
ATOM   43  O O   . PRO A 1 6  ? -0.052  -9.149  4.635   1.00 28.55 ? 25   PRO A O   1 
ATOM   44  C CB  . PRO A 1 6  ? 3.074   -8.941  5.795   1.00 30.84 ? 25   PRO A CB  1 
ATOM   45  C CG  . PRO A 1 6  ? 3.360   -8.335  7.142   1.00 28.50 ? 25   PRO A CG  1 
ATOM   46  C CD  . PRO A 1 6  ? 3.315   -6.818  6.853   1.00 26.80 ? 25   PRO A CD  1 
ATOM   47  N N   . GLU A 1 7  ? -0.118  -8.002  6.496   1.00 28.95 ? 26   GLU A N   1 
ATOM   48  C CA  . GLU A 1 7  ? -1.495  -8.322  6.799   1.00 30.65 ? 26   GLU A CA  1 
ATOM   49  C C   . GLU A 1 7  ? -2.460  -7.794  5.759   1.00 31.01 ? 26   GLU A C   1 
ATOM   50  O O   . GLU A 1 7  ? -3.637  -8.168  5.772   1.00 31.96 ? 26   GLU A O   1 
ATOM   51  C CB  . GLU A 1 7  ? -1.812  -7.874  8.236   1.00 33.92 ? 26   GLU A CB  1 
ATOM   52  C CG  . GLU A 1 7  ? -1.924  -6.359  8.427   1.00 33.64 ? 26   GLU A CG  1 
ATOM   53  C CD  . GLU A 1 7  ? -0.648  -5.635  8.679   1.00 33.69 ? 26   GLU A CD  1 
ATOM   54  O OE1 . GLU A 1 7  ? 0.478   -6.105  8.448   1.00 32.40 ? 26   GLU A OE1 1 
ATOM   55  O OE2 . GLU A 1 7  ? -0.692  -4.526  9.290   1.00 37.89 ? 26   GLU A OE2 1 
ATOM   56  N N   . LEU A 1 8  ? -2.071  -6.888  4.834   1.00 25.96 ? 27   LEU A N   1 
ATOM   57  C CA  . LEU A 1 8  ? -2.962  -6.305  3.869   1.00 25.84 ? 27   LEU A CA  1 
ATOM   58  C C   . LEU A 1 8  ? -2.978  -7.057  2.540   1.00 26.00 ? 27   LEU A C   1 
ATOM   59  O O   . LEU A 1 8  ? -3.797  -6.651  1.709   1.00 27.18 ? 27   LEU A O   1 
ATOM   60  C CB  . LEU A 1 8  ? -2.569  -4.817  3.586   1.00 27.30 ? 27   LEU A CB  1 
ATOM   61  C CG  . LEU A 1 8  ? -2.693  -3.955  4.862   1.00 27.17 ? 27   LEU A CG  1 
ATOM   62  C CD1 . LEU A 1 8  ? -2.253  -2.509  4.582   1.00 27.64 ? 27   LEU A CD1 1 
ATOM   63  C CD2 . LEU A 1 8  ? -4.102  -3.957  5.431   1.00 30.52 ? 27   LEU A CD2 1 
ATOM   64  N N   . VAL A 1 9  ? -2.103  -8.061  2.380   1.00 24.79 ? 28   VAL A N   1 
ATOM   65  C CA  . VAL A 1 9  ? -2.151  -8.776  1.098   1.00 23.01 ? 28   VAL A CA  1 
ATOM   66  C C   . VAL A 1 9  ? -3.552  -9.309  0.883   1.00 27.23 ? 28   VAL A C   1 
ATOM   67  O O   . VAL A 1 9  ? -4.071  -9.963  1.806   1.00 27.72 ? 28   VAL A O   1 
ATOM   68  C CB  . VAL A 1 9  ? -1.071  -9.830  0.978   1.00 24.37 ? 28   VAL A CB  1 
ATOM   69  C CG1 . VAL A 1 9  ? -1.254  -10.695 -0.305  1.00 24.25 ? 28   VAL A CG1 1 
ATOM   70  C CG2 . VAL A 1 9  ? 0.333   -9.223  0.950   1.00 24.70 ? 28   VAL A CG2 1 
ATOM   71  N N   . GLY A 1 10 ? -4.177  -9.092  -0.255  1.00 28.48 ? 29   GLY A N   1 
ATOM   72  C CA  . GLY A 1 10 ? -5.513  -9.544  -0.592  1.00 29.49 ? 29   GLY A CA  1 
ATOM   73  C C   . GLY A 1 10 ? -6.673  -8.624  -0.303  1.00 30.54 ? 29   GLY A C   1 
ATOM   74  O O   . GLY A 1 10 ? -7.838  -8.924  -0.629  1.00 29.85 ? 29   GLY A O   1 
ATOM   75  N N   . LYS A 1 11 ? -6.447  -7.648  0.612   1.00 28.98 ? 30   LYS A N   1 
ATOM   76  C CA  . LYS A 1 11 ? -7.494  -6.738  1.059   1.00 28.49 ? 30   LYS A CA  1 
ATOM   77  C C   . LYS A 1 11 ? -7.745  -5.655  0.013   1.00 27.72 ? 30   LYS A C   1 
ATOM   78  O O   . LYS A 1 11 ? -6.882  -5.460  -0.835  1.00 25.80 ? 30   LYS A O   1 
ATOM   79  C CB  . LYS A 1 11 ? -7.091  -6.095  2.396   1.00 30.46 ? 30   LYS A CB  1 
ATOM   80  C CG  . LYS A 1 11 ? -6.672  -7.053  3.544   1.00 33.57 ? 30   LYS A CG  1 
ATOM   81  C CD  . LYS A 1 11 ? -7.715  -8.143  3.646   1.00 36.93 ? 30   LYS A CD  1 
ATOM   82  C CE  . LYS A 1 11 ? -7.399  -9.214  4.683   1.00 38.75 ? 30   LYS A CE  1 
ATOM   83  N NZ  . LYS A 1 11 ? -8.681  -9.563  5.348   1.00 42.31 ? 30   LYS A NZ  1 
ATOM   84  N N   . SER A 1 12 ? -8.836  -4.903  0.125   1.00 26.41 ? 31   SER A N   1 
ATOM   85  C CA  . SER A 1 12 ? -9.131  -3.816  -0.815  1.00 27.35 ? 31   SER A CA  1 
ATOM   86  C C   . SER A 1 12 ? -8.245  -2.599  -0.499  1.00 27.66 ? 31   SER A C   1 
ATOM   87  O O   . SER A 1 12 ? -7.645  -2.497  0.570   1.00 25.32 ? 31   SER A O   1 
ATOM   88  C CB  . SER A 1 12 ? -10.603 -3.391  -0.651  1.00 26.11 ? 31   SER A CB  1 
ATOM   89  O OG  . SER A 1 12 ? -10.741 -2.730  0.627   1.00 26.66 ? 31   SER A OG  1 
ATOM   90  N N   . VAL A 1 13 ? -8.234  -1.692  -1.463  1.00 28.05 ? 32   VAL A N   1 
ATOM   91  C CA  . VAL A 1 13 ? -7.522  -0.415  -1.301  1.00 29.88 ? 32   VAL A CA  1 
ATOM   92  C C   . VAL A 1 13 ? -8.057  0.347   -0.107  1.00 28.27 ? 32   VAL A C   1 
ATOM   93  O O   . VAL A 1 13 ? -7.322  0.970   0.655   1.00 28.68 ? 32   VAL A O   1 
ATOM   94  C CB  . VAL A 1 13 ? -7.689  0.428   -2.579  1.00 30.37 ? 32   VAL A CB  1 
ATOM   95  C CG1 . VAL A 1 13 ? -7.342  1.933   -2.325  1.00 31.86 ? 32   VAL A CG1 1 
ATOM   96  C CG2 . VAL A 1 13 ? -6.782  -0.171  -3.626  1.00 32.67 ? 32   VAL A CG2 1 
ATOM   97  N N   . GLU A 1 14 ? -9.398  0.355   0.011   1.00 28.90 ? 33   GLU A N   1 
ATOM   98  C CA  . GLU A 1 14 ? -10.036 1.078   1.083   1.00 30.79 ? 33   GLU A CA  1 
ATOM   99  C C   . GLU A 1 14 ? -9.617  0.577   2.460   1.00 30.88 ? 33   GLU A C   1 
ATOM   100 O O   . GLU A 1 14 ? -9.310  1.426   3.327   1.00 29.23 ? 33   GLU A O   1 
ATOM   101 C CB  . GLU A 1 14 ? -11.568 1.085   0.907   1.00 33.69 ? 33   GLU A CB  1 
ATOM   102 C CG  . GLU A 1 14 ? -12.181 1.840   2.096   1.00 37.24 ? 33   GLU A CG  1 
ATOM   103 C CD  . GLU A 1 14 ? -13.691 1.913   2.046   1.00 41.72 ? 33   GLU A CD  1 
ATOM   104 O OE1 . GLU A 1 14 ? -14.319 1.133   1.281   1.00 40.31 ? 33   GLU A OE1 1 
ATOM   105 O OE2 . GLU A 1 14 ? -14.240 2.834   2.731   1.00 41.18 ? 33   GLU A OE2 1 
ATOM   106 N N   . GLU A 1 15 ? -9.567  -0.731  2.656   1.00 28.54 ? 34   GLU A N   1 
ATOM   107 C CA  . GLU A 1 15 ? -9.117  -1.304  3.910   1.00 29.76 ? 34   GLU A CA  1 
ATOM   108 C C   . GLU A 1 15 ? -7.701  -1.128  4.102   0.00 32.10 ? 34   GLU A C   1 
ATOM   109 O O   . GLU A 1 15 ? -7.268  -0.815  5.230   1.00 32.14 ? 34   GLU A O   1 
ATOM   110 C CB  . GLU A 1 15 ? -9.479  -2.825  3.918   1.00 30.83 ? 34   GLU A CB  1 
ATOM   111 C CG  . GLU A 1 15 ? -10.805 -3.486  3.510   0.00 43.10 ? 34   GLU A CG  1 
ATOM   112 C CD  . GLU A 1 15 ? -11.213 -4.649  2.652   0.00 46.59 ? 34   GLU A CD  1 
ATOM   113 O OE1 . GLU A 1 15 ? -10.528 -5.611  2.212   0.00 42.42 ? 34   GLU A OE1 1 
ATOM   114 O OE2 . GLU A 1 15 ? -12.437 -4.706  2.190   0.00 50.01 ? 34   GLU A OE2 1 
ATOM   115 N N   . ALA A 1 16 ? -6.815  -1.232  3.180   1.00 28.39 ? 35   ALA A N   1 
ATOM   116 C CA  . ALA A 1 16 ? -5.379  -0.957  3.218   1.00 26.80 ? 35   ALA A CA  1 
ATOM   117 C C   . ALA A 1 16 ? -5.142  0.508   3.656   1.00 27.64 ? 35   ALA A C   1 
ATOM   118 O O   . ALA A 1 16 ? -4.426  0.779   4.638   1.00 28.19 ? 35   ALA A O   1 
ATOM   119 C CB  . ALA A 1 16 ? -4.704  -1.173  1.856   1.00 28.33 ? 35   ALA A CB  1 
ATOM   120 N N   . LYS A 1 17 ? -5.875  1.426   3.040   1.00 28.04 ? 36   LYS A N   1 
ATOM   121 C CA  . LYS A 1 17 ? -5.668  2.847   3.346   1.00 30.68 ? 36   LYS A CA  1 
ATOM   122 C C   . LYS A 1 17 ? -5.995  3.133   4.809   1.00 30.98 ? 36   LYS A C   1 
ATOM   123 O O   . LYS A 1 17 ? -5.283  3.876   5.502   1.00 30.87 ? 36   LYS A O   1 
ATOM   124 C CB  . LYS A 1 17 ? -6.449  3.740   2.403   1.00 33.04 ? 36   LYS A CB  1 
ATOM   125 C CG  . LYS A 1 17 ? -6.947  5.098   2.870   1.00 37.06 ? 36   LYS A CG  1 
ATOM   126 C CD  . LYS A 1 17 ? -7.443  5.880   1.639   1.00 39.45 ? 36   LYS A CD  1 
ATOM   127 C CE  . LYS A 1 17 ? -7.235  7.385   1.815   1.00 40.80 ? 36   LYS A CE  1 
ATOM   128 N NZ  . LYS A 1 17 ? -5.826  7.722   1.436   1.00 44.62 ? 36   LYS A NZ  1 
ATOM   129 N N   . LYS A 1 18 ? -7.144  2.620   5.248   1.00 31.80 ? 37   LYS A N   1 
ATOM   130 C CA  . LYS A 1 18 ? -7.583  2.838   6.630   1.00 32.95 ? 37   LYS A CA  1 
ATOM   131 C C   . LYS A 1 18 ? -6.565  2.320   7.630   1.00 32.17 ? 37   LYS A C   1 
ATOM   132 O O   . LYS A 1 18 ? -6.208  2.985   8.627   1.00 32.21 ? 37   LYS A O   1 
ATOM   133 C CB  . LYS A 1 18 ? -8.947  2.140   6.811   1.00 34.59 ? 37   LYS A CB  1 
ATOM   134 C CG  . LYS A 1 18 ? -9.349  2.139   8.297   1.00 38.13 ? 37   LYS A CG  1 
ATOM   135 C CD  . LYS A 1 18 ? -10.750 1.612   8.599   0.00 48.46 ? 37   LYS A CD  1 
ATOM   136 C CE  . LYS A 1 18 ? -11.242 1.796   10.036  0.00 48.81 ? 37   LYS A CE  1 
ATOM   137 N NZ  . LYS A 1 18 ? -12.514 1.105   10.301  0.00 45.97 ? 37   LYS A NZ  1 
ATOM   138 N N   . VAL A 1 19 ? -6.002  1.150   7.423   1.00 30.07 ? 38   VAL A N   1 
ATOM   139 C CA  . VAL A 1 19 ? -5.011  0.519   8.260   1.00 29.93 ? 38   VAL A CA  1 
ATOM   140 C C   . VAL A 1 19 ? -3.704  1.330   8.199   1.00 29.89 ? 38   VAL A C   1 
ATOM   141 O O   . VAL A 1 19 ? -3.132  1.691   9.237   1.00 29.29 ? 38   VAL A O   1 
ATOM   142 C CB  . VAL A 1 19 ? -4.778  -0.948  7.885   1.00 30.11 ? 38   VAL A CB  1 
ATOM   143 C CG1 . VAL A 1 19 ? -3.502  -1.491  8.515   1.00 29.97 ? 38   VAL A CG1 1 
ATOM   144 C CG2 . VAL A 1 19 ? -5.934  -1.847  8.356   1.00 31.05 ? 38   VAL A CG2 1 
ATOM   145 N N   . ILE A 1 20 ? -3.233  1.645   6.978   1.00 26.85 ? 39   ILE A N   1 
ATOM   146 C CA  . ILE A 1 20 ? -1.982  2.406   6.874   1.00 26.35 ? 39   ILE A CA  1 
ATOM   147 C C   . ILE A 1 20 ? -2.082  3.781   7.567   1.00 27.09 ? 39   ILE A C   1 
ATOM   148 O O   . ILE A 1 20 ? -1.123  4.178   8.239   1.00 28.16 ? 39   ILE A O   1 
ATOM   149 C CB  . ILE A 1 20 ? -1.563  2.586   5.411   1.00 24.43 ? 39   ILE A CB  1 
ATOM   150 C CG1 . ILE A 1 20 ? -1.263  1.127   4.916   1.00 27.68 ? 39   ILE A CG1 1 
ATOM   151 C CG2 . ILE A 1 20 ? -0.352  3.475   5.234   1.00 26.98 ? 39   ILE A CG2 1 
ATOM   152 C CD1 . ILE A 1 20 ? -1.239  1.126   3.376   1.00 28.00 ? 39   ILE A CD1 1 
ATOM   153 N N   . LEU A 1 21 ? -3.186  4.481   7.323   1.00 26.81 ? 40   LEU A N   1 
ATOM   154 C CA  . LEU A 1 21 ? -3.245  5.866   7.902   1.00 27.77 ? 40   LEU A CA  1 
ATOM   155 C C   . LEU A 1 21 ? -3.342  5.783   9.426   1.00 31.25 ? 40   LEU A C   1 
ATOM   156 O O   . LEU A 1 21 ? -2.925  6.686   10.189  1.00 30.40 ? 40   LEU A O   1 
ATOM   157 C CB  . LEU A 1 21 ? -4.423  6.573   7.280   1.00 28.86 ? 40   LEU A CB  1 
ATOM   158 C CG  . LEU A 1 21 ? -4.323  7.087   5.841   1.00 30.01 ? 40   LEU A CG  1 
ATOM   159 C CD1 . LEU A 1 21 ? -5.629  7.742   5.438   1.00 29.98 ? 40   LEU A CD1 1 
ATOM   160 C CD2 . LEU A 1 21 ? -3.170  8.070   5.574   1.00 29.62 ? 40   LEU A CD2 1 
ATOM   161 N N   . GLN A 1 22 ? -3.913  4.700   9.967   1.00 31.86 ? 41   GLN A N   1 
ATOM   162 C CA  . GLN A 1 22 ? -3.975  4.474   11.401  1.00 33.93 ? 41   GLN A CA  1 
ATOM   163 C C   . GLN A 1 22 ? -2.561  4.248   11.895  1.00 33.34 ? 41   GLN A C   1 
ATOM   164 O O   . GLN A 1 22 ? -2.204  4.822   12.959  1.00 35.30 ? 41   GLN A O   1 
ATOM   165 C CB  . GLN A 1 22 ? -4.791  3.273   11.861  1.00 38.22 ? 41   GLN A CB  1 
ATOM   166 C CG  . GLN A 1 22 ? -6.289  3.268   11.842  1.00 44.29 ? 41   GLN A CG  1 
ATOM   167 C CD  . GLN A 1 22 ? -6.953  1.921   11.678  1.00 47.43 ? 41   GLN A CD  1 
ATOM   168 O OE1 . GLN A 1 22 ? -6.342  0.837   11.715  1.00 50.27 ? 41   GLN A OE1 1 
ATOM   169 N NE2 . GLN A 1 22 ? -8.271  1.886   11.446  1.00 48.71 ? 41   GLN A NE2 1 
ATOM   170 N N   . ASP A 1 23 ? -1.714  3.497   11.239  1.00 29.01 ? 42   ASP A N   1 
ATOM   171 C CA  . ASP A 1 23 ? -0.356  3.233   11.700  1.00 28.13 ? 42   ASP A CA  1 
ATOM   172 C C   . ASP A 1 23 ? 0.607   4.371   11.386  1.00 28.32 ? 42   ASP A C   1 
ATOM   173 O O   . ASP A 1 23 ? 1.731   4.504   11.899  1.00 30.23 ? 42   ASP A O   1 
ATOM   174 C CB  . ASP A 1 23 ? 0.212   2.008   10.954  1.00 28.64 ? 42   ASP A CB  1 
ATOM   175 C CG  . ASP A 1 23 ? -0.470  0.711   11.346  1.00 32.27 ? 42   ASP A CG  1 
ATOM   176 O OD1 . ASP A 1 23 ? -1.081  0.675   12.436  1.00 33.53 ? 42   ASP A OD1 1 
ATOM   177 O OD2 . ASP A 1 23 ? -0.395  -0.259  10.575  1.00 31.00 ? 42   ASP A OD2 1 
ATOM   178 N N   . LYS A 1 24 ? 0.281   5.098   10.300  1.00 28.01 ? 43   LYS A N   1 
ATOM   179 C CA  . LYS A 1 24 ? 1.171   6.099   9.739   1.00 27.45 ? 43   LYS A CA  1 
ATOM   180 C C   . LYS A 1 24 ? 0.368   7.268   9.186   1.00 28.13 ? 43   LYS A C   1 
ATOM   181 O O   . LYS A 1 24 ? 0.034   7.367   8.022   1.00 27.50 ? 43   LYS A O   1 
ATOM   182 C CB  . LYS A 1 24 ? 2.030   5.456   8.658   1.00 28.81 ? 43   LYS A CB  1 
ATOM   183 C CG  . LYS A 1 24 ? 3.093   6.270   7.973   1.00 29.00 ? 43   LYS A CG  1 
ATOM   184 C CD  . LYS A 1 24 ? 3.806   5.447   6.873   1.00 29.30 ? 43   LYS A CD  1 
ATOM   185 C CE  . LYS A 1 24 ? 4.883   6.351   6.255   1.00 30.38 ? 43   LYS A CE  1 
ATOM   186 N NZ  . LYS A 1 24 ? 5.957   6.721   7.221   1.00 29.71 ? 43   LYS A NZ  1 
ATOM   187 N N   . PRO A 1 25 ? 0.020   8.230   10.050  1.00 28.18 ? 44   PRO A N   1 
ATOM   188 C CA  . PRO A 1 25 ? -0.857  9.331   9.728   1.00 27.95 ? 44   PRO A CA  1 
ATOM   189 C C   . PRO A 1 25 ? -0.447  10.168  8.572   1.00 25.15 ? 44   PRO A C   1 
ATOM   190 O O   . PRO A 1 25 ? -1.292  10.734  7.868   1.00 28.13 ? 44   PRO A O   1 
ATOM   191 C CB  . PRO A 1 25 ? -0.857  10.206  11.021  1.00 28.39 ? 44   PRO A CB  1 
ATOM   192 C CG  . PRO A 1 25 ? -0.759  9.109   12.063  1.00 30.25 ? 44   PRO A CG  1 
ATOM   193 C CD  . PRO A 1 25 ? 0.297   8.163   11.526  1.00 28.54 ? 44   PRO A CD  1 
ATOM   194 N N   . GLU A 1 26 ? 0.854   10.283  8.346   1.00 25.73 ? 45   GLU A N   1 
ATOM   195 C CA  . GLU A 1 26 ? 1.392   11.133  7.259   1.00 25.42 ? 45   GLU A CA  1 
ATOM   196 C C   . GLU A 1 26 ? 1.486   10.383  5.915   1.00 24.59 ? 45   GLU A C   1 
ATOM   197 O O   . GLU A 1 26 ? 2.056   10.944  5.006   1.00 23.38 ? 45   GLU A O   1 
ATOM   198 C CB  . GLU A 1 26 ? 2.793   11.592  7.696   1.00 25.64 ? 45   GLU A CB  1 
ATOM   199 C CG  . GLU A 1 26 ? 3.985   10.660  7.627   1.00 25.25 ? 45   GLU A CG  1 
ATOM   200 C CD  . GLU A 1 26 ? 4.008   9.565   8.693   1.00 25.48 ? 45   GLU A CD  1 
ATOM   201 O OE1 . GLU A 1 26 ? 3.073   9.230   9.434   1.00 26.60 ? 45   GLU A OE1 1 
ATOM   202 O OE2 . GLU A 1 26 ? 5.077   8.943   8.859   1.00 27.69 ? 45   GLU A OE2 1 
ATOM   203 N N   . ALA A 1 27 ? 1.080   9.098   5.899   1.00 24.16 ? 46   ALA A N   1 
ATOM   204 C CA  . ALA A 1 27 ? 1.336   8.336   4.676   1.00 23.79 ? 46   ALA A CA  1 
ATOM   205 C C   . ALA A 1 27 ? 0.729   8.998   3.425   1.00 23.34 ? 46   ALA A C   1 
ATOM   206 O O   . ALA A 1 27 ? -0.407  9.454   3.465   1.00 24.77 ? 46   ALA A O   1 
ATOM   207 C CB  . ALA A 1 27 ? 0.759   6.932   4.756   1.00 24.82 ? 46   ALA A CB  1 
ATOM   208 N N   . GLN A 1 28 ? 1.538   8.955   2.366   1.00 22.91 ? 47   GLN A N   1 
ATOM   209 C CA  . GLN A 1 28 ? 1.051   9.472   1.058   1.00 23.18 ? 47   GLN A CA  1 
ATOM   210 C C   . GLN A 1 28 ? 0.829   8.158   0.219   1.00 22.03 ? 47   GLN A C   1 
ATOM   211 O O   . GLN A 1 28 ? 1.814   7.583   -0.231  1.00 21.93 ? 47   GLN A O   1 
ATOM   212 C CB  . GLN A 1 28 ? 2.133   10.312  0.425   1.00 27.20 ? 47   GLN A CB  1 
ATOM   213 C CG  . GLN A 1 28 ? 2.452   11.581  1.226   1.00 31.26 ? 47   GLN A CG  1 
ATOM   214 C CD  . GLN A 1 28 ? 3.735   12.276  0.833   1.00 36.10 ? 47   GLN A CD  1 
ATOM   215 O OE1 . GLN A 1 28 ? 4.578   11.746  0.129   1.00 39.21 ? 47   GLN A OE1 1 
ATOM   216 N NE2 . GLN A 1 28 ? 4.035   13.448  1.426   1.00 39.63 ? 47   GLN A NE2 1 
ATOM   217 N N   . ILE A 1 29 ? -0.430  7.842   0.056   1.00 21.94 ? 48   ILE A N   1 
ATOM   218 C CA  . ILE A 1 29 ? -0.776  6.493   -0.473  1.00 24.28 ? 48   ILE A CA  1 
ATOM   219 C C   . ILE A 1 29 ? -0.893  6.573   -1.981  1.00 23.09 ? 48   ILE A C   1 
ATOM   220 O O   . ILE A 1 29 ? -1.572  7.483   -2.451  1.00 26.35 ? 48   ILE A O   1 
ATOM   221 C CB  . ILE A 1 29 ? -2.043  6.018   0.201   1.00 27.55 ? 48   ILE A CB  1 
ATOM   222 C CG1 . ILE A 1 29 ? -1.700  5.705   1.683   1.00 29.20 ? 48   ILE A CG1 1 
ATOM   223 C CG2 . ILE A 1 29 ? -2.536  4.671   -0.453  1.00 25.34 ? 48   ILE A CG2 1 
ATOM   224 C CD1 . ILE A 1 29 ? -2.959  5.524   2.494   1.00 33.01 ? 48   ILE A CD1 1 
ATOM   225 N N   . ILE A 1 30 ? -0.115  5.781   -2.658  1.00 22.85 ? 49   ILE A N   1 
ATOM   226 C CA  . ILE A 1 30 ? -0.038  5.796   -4.139  1.00 21.95 ? 49   ILE A CA  1 
ATOM   227 C C   . ILE A 1 30 ? -0.594  4.426   -4.547  1.00 23.01 ? 49   ILE A C   1 
ATOM   228 O O   . ILE A 1 30 ? -0.118  3.433   -3.957  1.00 23.18 ? 49   ILE A O   1 
ATOM   229 C CB  . ILE A 1 30 ? 1.436   5.956   -4.505  1.00 25.12 ? 49   ILE A CB  1 
ATOM   230 C CG1 . ILE A 1 30 ? 2.038   7.365   -4.142  1.00 26.85 ? 49   ILE A CG1 1 
ATOM   231 C CG2 . ILE A 1 30 ? 1.701   5.792   -6.007  1.00 25.67 ? 49   ILE A CG2 1 
ATOM   232 C CD1 . ILE A 1 30 ? 1.124   8.523   -4.164  1.00 25.51 ? 49   ILE A CD1 1 
ATOM   233 N N   . VAL A 1 31 ? -1.430  4.407   -5.586  1.00 21.47 ? 50   VAL A N   1 
ATOM   234 C CA  . VAL A 1 31 ? -2.036  3.101   -5.962  1.00 23.11 ? 50   VAL A CA  1 
ATOM   235 C C   . VAL A 1 31 ? -1.623  2.778   -7.376  1.00 22.41 ? 50   VAL A C   1 
ATOM   236 O O   . VAL A 1 31 ? -1.995  3.570   -8.243  1.00 24.09 ? 50   VAL A O   1 
ATOM   237 C CB  . VAL A 1 31 ? -3.574  3.231   -5.877  1.00 23.66 ? 50   VAL A CB  1 
ATOM   238 C CG1 . VAL A 1 31 ? -4.242  1.958   -6.422  1.00 23.44 ? 50   VAL A CG1 1 
ATOM   239 C CG2 . VAL A 1 31 ? -4.001  3.517   -4.444  1.00 23.62 ? 50   VAL A CG2 1 
ATOM   240 N N   . LEU A 1 32 ? -0.897  1.687   -7.573  1.00 23.56 ? 51   LEU A N   1 
ATOM   241 C CA  . LEU A 1 32 ? -0.424  1.370   -8.952  1.00 25.92 ? 51   LEU A CA  1 
ATOM   242 C C   . LEU A 1 32 ? -0.775  -0.050  -9.305  1.00 26.16 ? 51   LEU A C   1 
ATOM   243 O O   . LEU A 1 32 ? -0.740  -0.916  -8.429  1.00 23.94 ? 51   LEU A O   1 
ATOM   244 C CB  . LEU A 1 32 ? 1.132   1.431   -8.904  1.00 25.13 ? 51   LEU A CB  1 
ATOM   245 C CG  . LEU A 1 32 ? 1.739   2.831   -8.688  1.00 27.63 ? 51   LEU A CG  1 
ATOM   246 C CD1 . LEU A 1 32 ? 3.183   2.757   -8.242  1.00 30.90 ? 51   LEU A CD1 1 
ATOM   247 C CD2 . LEU A 1 32 ? 1.530   3.559   -10.014 1.00 31.30 ? 51   LEU A CD2 1 
ATOM   248 N N   . PRO A 1 33 ? -0.953  -0.400  -10.583 1.00 26.04 ? 52   PRO A N   1 
ATOM   249 C CA  . PRO A 1 33 ? -1.092  -1.778  -10.968 1.00 26.44 ? 52   PRO A CA  1 
ATOM   250 C C   . PRO A 1 33 ? 0.172   -2.536  -10.618 1.00 25.72 ? 52   PRO A C   1 
ATOM   251 O O   . PRO A 1 33 ? 1.294   -2.077  -10.836 1.00 26.72 ? 52   PRO A O   1 
ATOM   252 C CB  . PRO A 1 33 ? -1.225  -1.726  -12.509 1.00 28.90 ? 52   PRO A CB  1 
ATOM   253 C CG  . PRO A 1 33 ? -1.559  -0.313  -12.815 1.00 27.60 ? 52   PRO A CG  1 
ATOM   254 C CD  . PRO A 1 33 ? -0.952  0.546   -11.705 1.00 28.91 ? 52   PRO A CD  1 
ATOM   255 N N   . VAL A 1 34 ? 0.101   -3.835  -10.314 1.00 28.02 ? 53   VAL A N   1 
ATOM   256 C CA  . VAL A 1 34 ? 1.249   -4.706  -10.170 1.00 29.04 ? 53   VAL A CA  1 
ATOM   257 C C   . VAL A 1 34 ? 2.054   -4.737  -11.456 1.00 29.36 ? 53   VAL A C   1 
ATOM   258 O O   . VAL A 1 34 ? 1.438   -4.675  -12.511 1.00 30.88 ? 53   VAL A O   1 
ATOM   259 C CB  . VAL A 1 34 ? 0.839   -6.208  -9.915  1.00 30.99 ? 53   VAL A CB  1 
ATOM   260 C CG1 . VAL A 1 34 ? 2.072   -7.105  -9.817  1.00 29.82 ? 53   VAL A CG1 1 
ATOM   261 C CG2 . VAL A 1 34 ? 0.091   -6.263  -8.607  1.00 30.48 ? 53   VAL A CG2 1 
ATOM   262 N N   . GLY A 1 35 ? 3.370   -4.750  -11.353 1.00 30.33 ? 54   GLY A N   1 
ATOM   263 C CA  . GLY A 1 35 ? 4.184   -4.786  -12.562 1.00 32.06 ? 54   GLY A CA  1 
ATOM   264 C C   . GLY A 1 35 ? 4.552   -3.384  -13.033 1.00 34.90 ? 54   GLY A C   1 
ATOM   265 O O   . GLY A 1 35 ? 5.310   -3.267  -13.985 1.00 36.15 ? 54   GLY A O   1 
ATOM   266 N N   . THR A 1 36 ? 4.091   -2.351  -12.356 1.00 34.82 ? 55   THR A N   1 
ATOM   267 C CA  . THR A 1 36 ? 4.433   -0.974  -12.773 1.00 34.89 ? 55   THR A CA  1 
ATOM   268 C C   . THR A 1 36 ? 5.882   -0.669  -12.455 1.00 38.20 ? 55   THR A C   1 
ATOM   269 O O   . THR A 1 36 ? 6.277   -0.793  -11.286 1.00 37.69 ? 55   THR A O   1 
ATOM   270 C CB  . THR A 1 36 ? 3.556   0.024   -11.987 1.00 33.84 ? 55   THR A CB  1 
ATOM   271 O OG1 . THR A 1 36 ? 2.212   -0.118  -12.448 1.00 34.22 ? 55   THR A OG1 1 
ATOM   272 C CG2 . THR A 1 36 ? 4.015   1.467   -12.222 1.00 33.41 ? 55   THR A CG2 1 
ATOM   273 N N   . ILE A 1 37 ? 6.692   -0.191  -13.404 1.00 41.10 ? 56   ILE A N   1 
ATOM   274 C CA  . ILE A 1 37 ? 8.089   0.123   -13.064 1.00 43.65 ? 56   ILE A CA  1 
ATOM   275 C C   . ILE A 1 37 ? 8.176   1.390   -12.230 1.00 45.05 ? 56   ILE A C   1 
ATOM   276 O O   . ILE A 1 37 ? 7.575   2.386   -12.622 1.00 46.53 ? 56   ILE A O   1 
ATOM   277 C CB  . ILE A 1 37 ? 8.961   0.256   -14.323 1.00 43.93 ? 56   ILE A CB  1 
ATOM   278 C CG1 . ILE A 1 37 ? 9.083   -1.080  -15.068 1.00 44.78 ? 56   ILE A CG1 1 
ATOM   279 C CG2 . ILE A 1 37 ? 10.365  0.742   -13.940 1.00 45.17 ? 56   ILE A CG2 1 
ATOM   280 C CD1 . ILE A 1 37 ? 9.255   -0.854  -16.567 1.00 46.80 ? 56   ILE A CD1 1 
ATOM   281 N N   . VAL A 1 38 ? 8.874   1.404   -11.097 1.00 46.32 ? 57   VAL A N   1 
ATOM   282 C CA  . VAL A 1 38 ? 8.949   2.656   -10.318 1.00 48.31 ? 57   VAL A CA  1 
ATOM   283 C C   . VAL A 1 38 ? 10.393  3.156   -10.287 1.00 50.64 ? 57   VAL A C   1 
ATOM   284 O O   . VAL A 1 38 ? 11.229  2.484   -10.938 1.00 54.25 ? 57   VAL A O   1 
ATOM   285 C CB  . VAL A 1 38 ? 8.370   2.538   -8.896  1.00 47.77 ? 57   VAL A CB  1 
ATOM   286 C CG1 . VAL A 1 38 ? 6.915   2.094   -8.930  1.00 44.82 ? 57   VAL A CG1 1 
ATOM   287 C CG2 . VAL A 1 38 ? 9.212   1.579   -8.059  1.00 48.13 ? 57   VAL A CG2 1 
ATOM   288 N N   . TYR B 2 2  ? 13.926  6.829   -2.383  1.00 44.34 ? 61   TYR B N   1 
ATOM   289 C CA  . TYR B 2 2  ? 13.417  6.337   -1.099  1.00 41.88 ? 61   TYR B CA  1 
ATOM   290 C C   . TYR B 2 2  ? 12.794  7.485   -0.321  1.00 40.51 ? 61   TYR B C   1 
ATOM   291 O O   . TYR B 2 2  ? 13.476  8.404   0.115   1.00 40.32 ? 61   TYR B O   1 
ATOM   292 C CB  . TYR B 2 2  ? 14.439  5.600   -0.252  1.00 42.55 ? 61   TYR B CB  1 
ATOM   293 C CG  . TYR B 2 2  ? 13.792  4.970   0.979   0.50 42.41 ? 61   TYR B CG  1 
ATOM   294 C CD1 . TYR B 2 2  ? 13.155  3.745   0.857   0.50 43.39 ? 61   TYR B CD1 1 
ATOM   295 C CD2 . TYR B 2 2  ? 13.789  5.581   2.218   0.50 42.41 ? 61   TYR B CD2 1 
ATOM   296 C CE1 . TYR B 2 2  ? 12.545  3.140   1.940   0.50 42.85 ? 61   TYR B CE1 1 
ATOM   297 C CE2 . TYR B 2 2  ? 13.182  4.994   3.310   0.50 42.94 ? 61   TYR B CE2 1 
ATOM   298 C CZ  . TYR B 2 2  ? 12.566  3.765   3.165   0.50 42.86 ? 61   TYR B CZ  1 
ATOM   299 O OH  . TYR B 2 2  ? 11.964  3.179   4.250   0.50 43.73 ? 61   TYR B OH  1 
ATOM   300 N N   . ARG B 2 3  ? 11.473  7.521   -0.277  1.00 38.58 ? 62   ARG B N   1 
ATOM   301 C CA  . ARG B 2 3  ? 10.662  8.538   0.373   1.00 37.18 ? 62   ARG B CA  1 
ATOM   302 C C   . ARG B 2 3  ? 9.903   7.926   1.541   1.00 36.61 ? 62   ARG B C   1 
ATOM   303 O O   . ARG B 2 3  ? 8.940   7.138   1.390   1.00 33.76 ? 62   ARG B O   1 
ATOM   304 C CB  . ARG B 2 3  ? 9.649   9.130   -0.621  1.00 38.76 ? 62   ARG B CB  1 
ATOM   305 C CG  . ARG B 2 3  ? 10.297  9.793   -1.826  1.00 41.93 ? 62   ARG B CG  1 
ATOM   306 C CD  . ARG B 2 3  ? 9.426   10.803  -2.532  1.00 42.92 ? 62   ARG B CD  1 
ATOM   307 N NE  . ARG B 2 3  ? 8.833   11.891  -1.786  1.00 42.99 ? 62   ARG B NE  1 
ATOM   308 C CZ  . ARG B 2 3  ? 9.317   13.056  -1.353  1.00 42.60 ? 62   ARG B CZ  1 
ATOM   309 N NH1 . ARG B 2 3  ? 10.599  13.341  -1.512  1.00 43.25 ? 62   ARG B NH1 1 
ATOM   310 N NH2 . ARG B 2 3  ? 8.542   13.962  -0.757  1.00 39.45 ? 62   ARG B NH2 1 
ATOM   311 N N   . ILE B 2 4  ? 10.324  8.310   2.750   1.00 35.46 ? 63   ILE B N   1 
ATOM   312 C CA  . ILE B 2 4  ? 9.835   7.740   3.983   1.00 33.08 ? 63   ILE B CA  1 
ATOM   313 C C   . ILE B 2 4  ? 8.369   7.973   4.272   1.00 30.70 ? 63   ILE B C   1 
ATOM   314 O O   . ILE B 2 4  ? 7.835   7.230   5.108   1.00 31.95 ? 63   ILE B O   1 
ATOM   315 C CB  . ILE B 2 4  ? 10.718  8.277   5.159   1.00 35.56 ? 63   ILE B CB  1 
ATOM   316 C CG1 . ILE B 2 4  ? 10.530  7.372   6.372   1.00 36.60 ? 63   ILE B CG1 1 
ATOM   317 C CG2 . ILE B 2 4  ? 10.382  9.726   5.494   1.00 33.36 ? 63   ILE B CG2 1 
ATOM   318 C CD1 . ILE B 2 4  ? 11.780  7.259   7.224   1.00 41.62 ? 63   ILE B CD1 1 
ATOM   319 N N   . ASP B 2 5  ? 7.707   8.936   3.667   1.00 29.40 ? 64   ASP B N   1 
ATOM   320 C CA  . ASP B 2 5  ? 6.298   9.161   3.949   1.00 30.38 ? 64   ASP B CA  1 
ATOM   321 C C   . ASP B 2 5  ? 5.360   8.456   2.951   1.00 28.96 ? 64   ASP B C   1 
ATOM   322 O O   . ASP B 2 5  ? 4.142   8.567   3.167   1.00 31.48 ? 64   ASP B O   1 
ATOM   323 C CB  . ASP B 2 5  ? 5.959   10.654  3.830   1.00 34.93 ? 64   ASP B CB  1 
ATOM   324 C CG  . ASP B 2 5  ? 6.841   11.474  4.760   1.00 40.95 ? 64   ASP B CG  1 
ATOM   325 O OD1 . ASP B 2 5  ? 7.344   10.901  5.737   1.00 42.58 ? 64   ASP B OD1 1 
ATOM   326 O OD2 . ASP B 2 5  ? 6.946   12.666  4.411   1.00 43.48 ? 64   ASP B OD2 1 
ATOM   327 N N   . ARG B 2 6  ? 5.918   7.966   1.879   1.00 27.19 ? 65   ARG B N   1 
ATOM   328 C CA  . ARG B 2 6  ? 5.141   7.369   0.789   1.00 26.79 ? 65   ARG B CA  1 
ATOM   329 C C   . ARG B 2 6  ? 4.911   5.865   1.093   1.00 25.26 ? 65   ARG B C   1 
ATOM   330 O O   . ARG B 2 6  ? 5.860   5.170   1.440   1.00 25.13 ? 65   ARG B O   1 
ATOM   331 C CB  . ARG B 2 6  ? 5.889   7.451   -0.556  1.00 27.16 ? 65   ARG B CB  1 
ATOM   332 C CG  . ARG B 2 6  ? 5.074   6.894   -1.727  1.00 24.55 ? 65   ARG B CG  1 
ATOM   333 C CD  . ARG B 2 6  ? 5.622   7.312   -3.096  1.00 26.47 ? 65   ARG B CD  1 
ATOM   334 N NE  . ARG B 2 6  ? 7.055   6.909   -3.119  1.00 28.17 ? 65   ARG B NE  1 
ATOM   335 C CZ  . ARG B 2 6  ? 7.957   7.530   -3.850  1.00 29.62 ? 65   ARG B CZ  1 
ATOM   336 N NH1 . ARG B 2 6  ? 7.613   8.514   -4.694  1.00 30.55 ? 65   ARG B NH1 1 
ATOM   337 N NH2 . ARG B 2 6  ? 9.224   7.130   -3.757  1.00 30.28 ? 65   ARG B NH2 1 
ATOM   338 N N   . VAL B 2 7  ? 3.731   5.374   0.708   1.00 24.11 ? 66   VAL B N   1 
ATOM   339 C CA  . VAL B 2 7  ? 3.466   3.932   0.738   1.00 23.88 ? 66   VAL B CA  1 
ATOM   340 C C   . VAL B 2 7  ? 2.740   3.605   -0.589  1.00 23.88 ? 66   VAL B C   1 
ATOM   341 O O   . VAL B 2 7  ? 1.598   4.035   -0.781  1.00 23.25 ? 66   VAL B O   1 
ATOM   342 C CB  . VAL B 2 7  ? 2.559   3.533   1.909   1.00 25.68 ? 66   VAL B CB  1 
ATOM   343 C CG1 . VAL B 2 7  ? 2.319   1.996   1.888   1.00 24.64 ? 66   VAL B CG1 1 
ATOM   344 C CG2 . VAL B 2 7  ? 3.223   3.821   3.261   1.00 25.20 ? 66   VAL B CG2 1 
ATOM   345 N N   . ARG B 2 8  ? 3.427   2.834   -1.381  1.00 23.44 ? 67   ARG B N   1 
ATOM   346 C CA  . ARG B 2 8  ? 2.828   2.369   -2.648  1.00 25.18 ? 67   ARG B CA  1 
ATOM   347 C C   . ARG B 2 8  ? 1.977   1.096   -2.384  1.00 24.45 ? 67   ARG B C   1 
ATOM   348 O O   . ARG B 2 8  ? 2.461   0.207   -1.699  1.00 24.76 ? 67   ARG B O   1 
ATOM   349 C CB  . ARG B 2 8  ? 3.903   2.053   -3.680  1.00 23.50 ? 67   ARG B CB  1 
ATOM   350 C CG  . ARG B 2 8  ? 4.637   3.351   -4.125  1.00 29.83 ? 67   ARG B CG  1 
ATOM   351 C CD  . ARG B 2 8  ? 5.579   2.973   -5.243  1.00 33.84 ? 67   ARG B CD  1 
ATOM   352 N NE  . ARG B 2 8  ? 6.719   3.811   -5.548  1.00 41.66 ? 67   ARG B NE  1 
ATOM   353 C CZ  . ARG B 2 8  ? 7.898   3.527   -4.961  1.00 44.58 ? 67   ARG B CZ  1 
ATOM   354 N NH1 . ARG B 2 8  ? 7.993   2.510   -4.106  1.00 47.18 ? 67   ARG B NH1 1 
ATOM   355 N NH2 . ARG B 2 8  ? 8.963   4.246   -5.211  1.00 47.08 ? 67   ARG B NH2 1 
ATOM   356 N N   . LEU B 2 9  ? 0.820   1.065   -3.042  1.00 21.42 ? 68   LEU B N   1 
ATOM   357 C CA  . LEU B 2 9  ? -0.047  -0.114  -2.962  1.00 20.25 ? 68   LEU B CA  1 
ATOM   358 C C   . LEU B 2 9  ? -0.095  -0.677  -4.412  1.00 22.10 ? 68   LEU B C   1 
ATOM   359 O O   . LEU B 2 9  ? -0.570  0.046   -5.279  1.00 23.71 ? 68   LEU B O   1 
ATOM   360 C CB  . LEU B 2 9  ? -1.450  0.308   -2.528  1.00 21.26 ? 68   LEU B CB  1 
ATOM   361 C CG  . LEU B 2 9  ? -1.540  0.919   -1.109  1.00 21.28 ? 68   LEU B CG  1 
ATOM   362 C CD1 . LEU B 2 9  ? -2.992  1.189   -0.793  1.00 22.64 ? 68   LEU B CD1 1 
ATOM   363 C CD2 . LEU B 2 9  ? -0.853  0.005   -0.111  1.00 26.24 ? 68   LEU B CD2 1 
ATOM   364 N N   . PHE B 2 10 ? 0.414   -1.878  -4.547  1.00 22.63 ? 69   PHE B N   1 
ATOM   365 C CA  . PHE B 2 10 ? 0.423   -2.521  -5.904  1.00 24.20 ? 69   PHE B CA  1 
ATOM   366 C C   . PHE B 2 10 ? -0.824  -3.424  -5.955  1.00 24.96 ? 69   PHE B C   1 
ATOM   367 O O   . PHE B 2 10 ? -0.885  -4.317  -5.078  1.00 26.21 ? 69   PHE B O   1 
ATOM   368 C CB  . PHE B 2 10 ? 1.713   -3.287  -6.123  1.00 25.35 ? 69   PHE B CB  1 
ATOM   369 C CG  . PHE B 2 10 ? 2.900   -2.346  -6.322  1.00 27.69 ? 69   PHE B CG  1 
ATOM   370 C CD1 . PHE B 2 10 ? 3.109   -1.848  -7.609  1.00 26.32 ? 69   PHE B CD1 1 
ATOM   371 C CD2 . PHE B 2 10 ? 3.760   -1.994  -5.305  1.00 27.61 ? 69   PHE B CD2 1 
ATOM   372 C CE1 . PHE B 2 10 ? 4.165   -0.977  -7.815  1.00 28.95 ? 69   PHE B CE1 1 
ATOM   373 C CE2 . PHE B 2 10 ? 4.816   -1.121  -5.533  1.00 28.68 ? 69   PHE B CE2 1 
ATOM   374 C CZ  . PHE B 2 10 ? 5.004   -0.582  -6.815  1.00 27.12 ? 69   PHE B CZ  1 
ATOM   375 N N   . VAL B 2 11 ? -1.746  -3.083  -6.850  1.00 24.67 ? 70   VAL B N   1 
ATOM   376 C CA  . VAL B 2 11 ? -3.064  -3.694  -6.867  1.00 24.44 ? 70   VAL B CA  1 
ATOM   377 C C   . VAL B 2 11 ? -3.309  -4.568  -8.114  1.00 25.21 ? 70   VAL B C   1 
ATOM   378 O O   . VAL B 2 11 ? -2.716  -4.357  -9.178  1.00 23.17 ? 70   VAL B O   1 
ATOM   379 C CB  . VAL B 2 11 ? -4.229  -2.695  -6.750  1.00 23.38 ? 70   VAL B CB  1 
ATOM   380 C CG1 . VAL B 2 11 ? -4.126  -1.921  -5.392  1.00 24.34 ? 70   VAL B CG1 1 
ATOM   381 C CG2 . VAL B 2 11 ? -4.270  -1.710  -7.908  1.00 23.81 ? 70   VAL B CG2 1 
ATOM   382 N N   . ASP B 2 12 ? -4.197  -5.523  -7.867  1.00 23.35 ? 71   ASP B N   1 
ATOM   383 C CA  . ASP B 2 12 ? -4.496  -6.446  -8.988  1.00 25.39 ? 71   ASP B CA  1 
ATOM   384 C C   . ASP B 2 12 ? -5.624  -5.903  -9.829  1.00 26.36 ? 71   ASP B C   1 
ATOM   385 O O   . ASP B 2 12 ? -6.213  -4.817  -9.587  1.00 26.95 ? 71   ASP B O   1 
ATOM   386 C CB  . ASP B 2 12 ? -4.748  -7.847  -8.399  1.00 22.57 ? 71   ASP B CB  1 
ATOM   387 C CG  . ASP B 2 12 ? -6.090  -7.980  -7.732  1.00 24.26 ? 71   ASP B CG  1 
ATOM   388 O OD1 . ASP B 2 12 ? -6.911  -7.053  -7.554  1.00 26.06 ? 71   ASP B OD1 1 
ATOM   389 O OD2 . ASP B 2 12 ? -6.352  -9.117  -7.264  1.00 26.92 ? 71   ASP B OD2 1 
ATOM   390 N N   . LYS B 2 13 ? -6.245  -6.766  -10.639 1.00 26.55 ? 72   LYS B N   1 
ATOM   391 C CA  . LYS B 2 13 ? -7.298  -6.341  -11.572 1.00 28.84 ? 72   LYS B CA  1 
ATOM   392 C C   . LYS B 2 13 ? -8.579  -5.967  -10.877 1.00 29.67 ? 72   LYS B C   1 
ATOM   393 O O   . LYS B 2 13 ? -9.339  -5.167  -11.442 1.00 31.38 ? 72   LYS B O   1 
ATOM   394 C CB  . LYS B 2 13 ? -7.486  -7.470  -12.595 1.00 30.37 ? 72   LYS B CB  1 
ATOM   395 C CG  . LYS B 2 13 ? -8.665  -7.482  -13.519 1.00 36.18 ? 72   LYS B CG  1 
ATOM   396 C CD  . LYS B 2 13 ? -8.314  -8.478  -14.643 1.00 35.23 ? 72   LYS B CD  1 
ATOM   397 C CE  . LYS B 2 13 ? -8.899  -7.981  -15.959 1.00 38.74 ? 72   LYS B CE  1 
ATOM   398 N NZ  . LYS B 2 13 ? -9.339  -9.166  -16.762 1.00 40.97 ? 72   LYS B NZ  1 
ATOM   399 N N   . LEU B 2 14 ? -8.845  -6.378  -9.661  1.00 28.52 ? 73   LEU B N   1 
ATOM   400 C CA  . LEU B 2 14 ? -10.004 -6.052  -8.832  1.00 27.79 ? 73   LEU B CA  1 
ATOM   401 C C   . LEU B 2 14 ? -9.730  -4.971  -7.770  1.00 27.79 ? 73   LEU B C   1 
ATOM   402 O O   . LEU B 2 14 ? -10.398 -4.839  -6.730  1.00 29.19 ? 73   LEU B O   1 
ATOM   403 C CB  . LEU B 2 14 ? -10.446 -7.348  -8.112  1.00 28.44 ? 73   LEU B CB  1 
ATOM   404 C CG  . LEU B 2 14 ? -10.836 -8.416  -9.171  1.00 32.57 ? 73   LEU B CG  1 
ATOM   405 C CD1 . LEU B 2 14 ? -11.029 -9.774  -8.492  1.00 32.40 ? 73   LEU B CD1 1 
ATOM   406 C CD2 . LEU B 2 14 ? -12.066 -7.952  -9.953  1.00 35.14 ? 73   LEU B CD2 1 
ATOM   407 N N   . ASP B 2 15 ? -8.553  -4.379  -7.904  1.00 28.88 ? 74   ASP B N   1 
ATOM   408 C CA  . ASP B 2 15 ? -8.085  -3.371  -6.942  1.00 30.62 ? 74   ASP B CA  1 
ATOM   409 C C   . ASP B 2 15 ? -7.845  -3.876  -5.534  1.00 29.88 ? 74   ASP B C   1 
ATOM   410 O O   . ASP B 2 15 ? -8.071  -3.147  -4.543  1.00 29.40 ? 74   ASP B O   1 
ATOM   411 C CB  . ASP B 2 15 ? -9.058  -2.192  -6.805  1.00 32.94 ? 74   ASP B CB  1 
ATOM   412 C CG  . ASP B 2 15 ? -8.873  -1.325  -8.047  1.00 37.59 ? 74   ASP B CG  1 
ATOM   413 O OD1 . ASP B 2 15 ? -7.736  -0.891  -8.314  1.00 39.71 ? 74   ASP B OD1 1 
ATOM   414 O OD2 . ASP B 2 15 ? -9.883  -1.140  -8.764  1.00 42.31 ? 74   ASP B OD2 1 
ATOM   415 N N   . ASN B 2 16 ? -7.428  -5.135  -5.401  1.00 25.90 ? 75   ASN B N   1 
ATOM   416 C CA  . ASN B 2 16 ? -7.037  -5.690  -4.166  1.00 23.83 ? 75   ASN B CA  1 
ATOM   417 C C   . ASN B 2 16 ? -5.513  -5.677  -4.081  1.00 23.83 ? 75   ASN B C   1 
ATOM   418 O O   . ASN B 2 16 ? -4.856  -5.695  -5.111  1.00 25.16 ? 75   ASN B O   1 
ATOM   419 C CB  . ASN B 2 16 ? -7.488  -7.186  -4.002  1.00 24.57 ? 75   ASN B CB  1 
ATOM   420 C CG  . ASN B 2 16 ? -8.984  -7.186  -3.810  1.00 27.68 ? 75   ASN B CG  1 
ATOM   421 O OD1 . ASN B 2 16 ? -9.488  -6.296  -3.157  1.00 26.22 ? 75   ASN B OD1 1 
ATOM   422 N ND2 . ASN B 2 16 ? -9.711  -8.173  -4.386  1.00 27.48 ? 75   ASN B ND2 1 
ATOM   423 N N   . ILE B 2 17 ? -4.977  -5.572  -2.861  1.00 23.80 ? 76   ILE B N   1 
ATOM   424 C CA  . ILE B 2 17 ? -3.532  -5.474  -2.659  1.00 22.83 ? 76   ILE B CA  1 
ATOM   425 C C   . ILE B 2 17 ? -2.887  -6.804  -3.048  1.00 23.69 ? 76   ILE B C   1 
ATOM   426 O O   . ILE B 2 17 ? -3.248  -7.849  -2.465  1.00 26.16 ? 76   ILE B O   1 
ATOM   427 C CB  . ILE B 2 17 ? -3.205  -5.205  -1.174  1.00 23.24 ? 76   ILE B CB  1 
ATOM   428 C CG1 . ILE B 2 17 ? -3.867  -3.969  -0.585  1.00 27.16 ? 76   ILE B CG1 1 
ATOM   429 C CG2 . ILE B 2 17 ? -1.703  -5.287  -0.933  1.00 22.94 ? 76   ILE B CG2 1 
ATOM   430 C CD1 . ILE B 2 17 ? -3.798  -2.698  -1.366  1.00 27.69 ? 76   ILE B CD1 1 
ATOM   431 N N   . ALA B 2 18 ? -1.909  -6.720  -3.954  1.00 23.31 ? 77   ALA B N   1 
ATOM   432 C CA  . ALA B 2 18 ? -1.340  -7.952  -4.499  1.00 25.16 ? 77   ALA B CA  1 
ATOM   433 C C   . ALA B 2 18 ? 0.007   -8.298  -3.918  1.00 27.51 ? 77   ALA B C   1 
ATOM   434 O O   . ALA B 2 18 ? 0.528   -9.391  -4.110  1.00 27.62 ? 77   ALA B O   1 
ATOM   435 C CB  . ALA B 2 18 ? -1.155  -7.823  -6.018  1.00 24.19 ? 77   ALA B CB  1 
ATOM   436 N N   . GLN B 2 19 ? 0.674   -7.283  -3.339  1.00 25.29 ? 78   GLN B N   1 
ATOM   437 C CA  . GLN B 2 19 ? 2.006   -7.453  -2.789  1.00 28.30 ? 78   GLN B CA  1 
ATOM   438 C C   . GLN B 2 19 ? 2.061   -6.741  -1.408  1.00 24.86 ? 78   GLN B C   1 
ATOM   439 O O   . GLN B 2 19 ? 1.348   -5.753  -1.219  1.00 23.18 ? 78   GLN B O   1 
ATOM   440 C CB  . GLN B 2 19 ? 3.046   -6.762  -3.689  1.00 31.68 ? 78   GLN B CB  1 
ATOM   441 C CG  . GLN B 2 19 ? 3.382   -7.418  -5.009  1.00 38.91 ? 78   GLN B CG  1 
ATOM   442 C CD  . GLN B 2 19 ? 3.797   -6.465  -6.107  1.00 41.16 ? 78   GLN B CD  1 
ATOM   443 O OE1 . GLN B 2 19 ? 4.930   -5.982  -6.200  1.00 46.74 ? 78   GLN B OE1 1 
ATOM   444 N NE2 . GLN B 2 19 ? 2.989   -6.102  -6.955  1.00 44.70 ? 78   GLN B NE2 1 
ATOM   445 N N   . VAL B 2 20 ? 2.970   -7.173  -0.540  1.00 24.99 ? 79   VAL B N   1 
ATOM   446 C CA  . VAL B 2 20 ? 3.083   -6.496  0.766   1.00 24.33 ? 79   VAL B CA  1 
ATOM   447 C C   . VAL B 2 20 ? 3.478   -5.013  0.577   1.00 21.91 ? 79   VAL B C   1 
ATOM   448 O O   . VAL B 2 20 ? 4.527   -4.677  0.007   1.00 24.13 ? 79   VAL B O   1 
ATOM   449 C CB  . VAL B 2 20 ? 4.225   -7.134  1.587   1.00 25.90 ? 79   VAL B CB  1 
ATOM   450 C CG1 . VAL B 2 20 ? 4.332   -6.372  2.933   1.00 24.52 ? 79   VAL B CG1 1 
ATOM   451 C CG2 . VAL B 2 20 ? 4.009   -8.623  1.836   1.00 28.72 ? 79   VAL B CG2 1 
ATOM   452 N N   . PRO B 2 21 ? 2.630   -4.131  1.060   1.00 22.95 ? 80   PRO B N   1 
ATOM   453 C CA  . PRO B 2 21 ? 2.907   -2.686  1.070   1.00 24.74 ? 80   PRO B CA  1 
ATOM   454 C C   . PRO B 2 21 ? 4.102   -2.328  1.940   1.00 25.64 ? 80   PRO B C   1 
ATOM   455 O O   . PRO B 2 21 ? 4.232   -2.896  3.064   1.00 26.56 ? 80   PRO B O   1 
ATOM   456 C CB  . PRO B 2 21 ? 1.625   -2.035  1.573   1.00 23.49 ? 80   PRO B CB  1 
ATOM   457 C CG  . PRO B 2 21 ? 0.555   -3.082  1.279   1.00 23.27 ? 80   PRO B CG  1 
ATOM   458 C CD  . PRO B 2 21 ? 1.288   -4.367  1.620   1.00 21.99 ? 80   PRO B CD  1 
ATOM   459 N N   . ARG B 2 22 ? 4.977   -1.454  1.418   1.00 26.84 ? 81   ARG B N   1 
ATOM   460 C CA  . ARG B 2 22 ? 6.175   -1.082  2.184   1.00 29.57 ? 81   ARG B CA  1 
ATOM   461 C C   . ARG B 2 22 ? 6.422   0.446   2.010   1.00 29.18 ? 81   ARG B C   1 
ATOM   462 O O   . ARG B 2 22 ? 6.092   0.992   0.960   1.00 28.83 ? 81   ARG B O   1 
ATOM   463 C CB  . ARG B 2 22 ? 7.432   -1.789  1.696   1.00 31.62 ? 81   ARG B CB  1 
ATOM   464 C CG  . ARG B 2 22 ? 7.580   -3.278  1.949   1.00 39.75 ? 81   ARG B CG  1 
ATOM   465 C CD  . ARG B 2 22 ? 8.331   -4.069  0.886   1.00 43.77 ? 81   ARG B CD  1 
ATOM   466 N NE  . ARG B 2 22 ? 8.330   -5.488  1.224   1.00 45.97 ? 81   ARG B NE  1 
ATOM   467 C CZ  . ARG B 2 22 ? 7.916   -6.496  0.455   1.00 48.45 ? 81   ARG B CZ  1 
ATOM   468 N NH1 . ARG B 2 22 ? 7.440   -6.302  -0.789  1.00 49.13 ? 81   ARG B NH1 1 
ATOM   469 N NH2 . ARG B 2 22 ? 7.988   -7.726  0.951   1.00 47.18 ? 81   ARG B NH2 1 
ATOM   470 N N   . VAL B 2 23 ? 6.995   1.056   3.037   1.00 28.80 ? 82   VAL B N   1 
ATOM   471 C CA  . VAL B 2 23 ? 7.317   2.483   2.927   1.00 27.96 ? 82   VAL B CA  1 
ATOM   472 C C   . VAL B 2 23 ? 8.388   2.662   1.862   1.00 29.55 ? 82   VAL B C   1 
ATOM   473 O O   . VAL B 2 23 ? 9.261   1.788   1.746   1.00 29.78 ? 82   VAL B O   1 
ATOM   474 C CB  . VAL B 2 23 ? 7.834   2.925   4.317   1.00 29.19 ? 82   VAL B CB  1 
ATOM   475 C CG1 . VAL B 2 23 ? 8.514   4.292   4.172   1.00 32.51 ? 82   VAL B CG1 1 
ATOM   476 C CG2 . VAL B 2 23 ? 6.692   3.044   5.322   1.00 30.00 ? 82   VAL B CG2 1 
ATOM   477 N N   . GLY B 2 24 ? 8.450   3.804   1.135   1.00 31.70 ? 83   GLY B N   1 
ATOM   478 C CA  . GLY B 2 24 ? 9.486   4.006   0.143   1.00 32.56 ? 83   GLY B CA  1 
ATOM   479 C C   . GLY B 2 24 ? 9.047   4.878   -1.035  1.00 34.10 ? 83   GLY B C   1 
ATOM   480 O O   . GLY B 2 24 ? 7.847   4.824   -1.398  1.00 30.15 ? 83   GLY B O   1 
ATOM   481 O OXT . GLY B 2 24 ? 9.943   5.498   -1.678  1.00 34.04 ? 83   GLY B OXT 1 
HETATM 482 S S   . SO4 C 3 .  ? 5.589   -9.578  -2.116  1.00 43.51 ? 1001 SO4 B S   1 
HETATM 483 O O1  . SO4 C 3 .  ? 5.696   -10.553 -3.245  1.00 46.75 ? 1001 SO4 B O1  1 
HETATM 484 O O2  . SO4 C 3 .  ? 6.770   -9.823  -1.221  1.00 48.14 ? 1001 SO4 B O2  1 
HETATM 485 O O3  . SO4 C 3 .  ? 4.288   -9.631  -1.426  1.00 42.19 ? 1001 SO4 B O3  1 
HETATM 486 O O4  . SO4 C 3 .  ? 5.809   -8.202  -2.677  1.00 47.23 ? 1001 SO4 B O4  1 
HETATM 487 O O   . HOH D 4 .  ? -8.198  -11.177 -2.266  1.00 42.47 ? 67   HOH A O   1 
HETATM 488 O O   . HOH D 4 .  ? -8.336  -12.216 0.278   1.00 42.92 ? 68   HOH A O   1 
HETATM 489 O O   . HOH D 4 .  ? -11.441 -0.244  -2.136  1.00 30.55 ? 69   HOH A O   1 
HETATM 490 O O   . HOH D 4 .  ? -1.168  -5.348  -13.362 1.00 40.40 ? 70   HOH A O   1 
HETATM 491 O O   . HOH D 4 .  ? 1.241   0.387   -14.888 1.00 45.31 ? 71   HOH A O   1 
HETATM 492 O O   . HOH D 4 .  ? 5.596   0.240   -16.086 1.00 42.04 ? 72   HOH A O   1 
HETATM 493 O O   . HOH D 4 .  ? 9.199   4.660   -12.935 1.00 46.65 ? 73   HOH A O   1 
HETATM 494 O O   . HOH D 4 .  ? 7.240   -3.165  -9.840  1.00 59.66 ? 74   HOH A O   1 
HETATM 495 O O   . HOH D 4 .  ? 7.533   -3.179  9.814   1.00 38.29 ? 75   HOH A O   1 
HETATM 496 O O   . HOH D 4 .  ? 4.552   -5.607  9.882   1.00 44.79 ? 76   HOH A O   1 
HETATM 497 O O   . HOH D 4 .  ? 2.097   -6.536  10.422  1.00 42.99 ? 77   HOH A O   1 
HETATM 498 O O   . HOH D 4 .  ? -3.089  -4.069  10.957  1.00 44.02 ? 78   HOH A O   1 
HETATM 499 O O   . HOH D 4 .  ? -7.715  5.286   9.123   1.00 44.09 ? 79   HOH A O   1 
HETATM 500 O O   . HOH D 4 .  ? -4.658  8.865   10.847  1.00 47.66 ? 80   HOH A O   1 
HETATM 501 O O   . HOH D 4 .  ? -3.791  11.147  8.601   1.00 43.46 ? 81   HOH A O   1 
HETATM 502 O O   . HOH D 4 .  ? -1.740  11.386  5.179   1.00 26.91 ? 82   HOH A O   1 
HETATM 503 O O   . HOH D 4 .  ? -2.271  9.585   1.465   1.00 29.85 ? 83   HOH A O   1 
HETATM 504 O O   . HOH D 4 .  ? -4.710  9.765   2.273   1.00 44.64 ? 84   HOH A O   1 
HETATM 505 O O   . HOH D 4 .  ? -6.572  10.677  -0.387  1.00 55.86 ? 85   HOH A O   1 
HETATM 506 O O   . HOH D 4 .  ? -4.999  8.847   -1.218  0.50 36.32 ? 86   HOH A O   1 
HETATM 507 O O   . HOH D 4 .  ? -7.676  6.030   -1.917  0.50 25.37 ? 87   HOH A O   1 
HETATM 508 O O   . HOH D 4 .  ? -10.726 -5.645  2.158   1.00 34.30 ? 88   HOH A O   1 
HETATM 509 O O   . HOH D 4 .  ? 0.024   5.617   14.659  1.00 47.39 ? 89   HOH A O   1 
HETATM 510 O O   . HOH D 4 .  ? -0.819  8.045   15.712  1.00 47.12 ? 90   HOH A O   1 
HETATM 511 O O   . HOH D 4 .  ? -0.805  10.746  15.671  1.00 42.74 ? 91   HOH A O   1 
HETATM 512 O O   . HOH D 4 .  ? 3.183   7.676   14.041  1.00 38.12 ? 92   HOH A O   1 
HETATM 513 O O   . HOH D 4 .  ? 4.279   7.667   11.516  1.00 30.19 ? 93   HOH A O   1 
HETATM 514 O O   . HOH D 4 .  ? 4.276   5.057   11.255  1.00 39.03 ? 94   HOH A O   1 
HETATM 515 O O   . HOH D 4 .  ? 5.752   4.288   9.127   1.00 45.95 ? 95   HOH A O   1 
HETATM 516 O O   . HOH D 4 .  ? 9.116   4.075   11.282  1.00 52.12 ? 96   HOH A O   1 
HETATM 517 O O   . HOH D 4 .  ? 2.537   13.527  4.527   1.00 39.69 ? 97   HOH A O   1 
HETATM 518 O O   . HOH D 4 .  ? 6.913   11.346  -0.286  1.00 43.56 ? 98   HOH A O   1 
HETATM 519 O O   . HOH E 4 .  ? -8.301  -10.243 -5.916  1.00 24.26 ? 1    HOH B O   1 
HETATM 520 O O   . HOH E 4 .  ? -11.294 -7.212  -1.482  1.00 45.50 ? 4    HOH B O   1 
HETATM 521 O O   . HOH E 4 .  ? -12.897 -8.121  -4.236  1.00 37.55 ? 5    HOH B O   1 
HETATM 522 O O   . HOH E 4 .  ? -11.351 -4.284  -3.963  1.00 42.57 ? 6    HOH B O   1 
HETATM 523 O O   . HOH E 4 .  ? -10.246 -1.854  -4.032  1.00 40.25 ? 7    HOH B O   1 
HETATM 524 O O   . HOH E 4 .  ? -11.048 0.469   -5.387  1.00 53.39 ? 9    HOH B O   1 
HETATM 525 O O   . HOH E 4 .  ? -10.518 0.286   -10.860 1.00 50.47 ? 10   HOH B O   1 
HETATM 526 O O   . HOH E 4 .  ? -3.402  -4.723  -11.768 1.00 44.08 ? 11   HOH B O   1 
HETATM 527 O O   . HOH E 4 .  ? 6.364   5.804   -7.266  1.00 48.04 ? 16   HOH B O   1 
HETATM 528 O O   . HOH E 4 .  ? 6.332   2.599   -1.145  1.00 27.09 ? 17   HOH B O   1 
HETATM 529 O O   . HOH E 4 .  ? 7.179   0.051   -2.632  1.00 47.46 ? 18   HOH B O   1 
HETATM 530 O O   . HOH E 4 .  ? 4.851   -0.928  -1.474  1.00 26.89 ? 19   HOH B O   1 
HETATM 531 O O   . HOH E 4 .  ? 4.470   -3.389  -2.368  1.00 27.84 ? 20   HOH B O   1 
HETATM 532 O O   . HOH E 4 .  ? 1.543   -3.270  -2.293  1.00 26.19 ? 21   HOH B O   1 
HETATM 533 O O   . HOH E 4 .  ? 4.803   -4.957  -8.818  1.00 42.34 ? 22   HOH B O   1 
HETATM 534 O O   . HOH E 4 .  ? 7.274   -4.234  -7.044  1.00 53.81 ? 23   HOH B O   1 
HETATM 535 O O   . HOH E 4 .  ? 10.492  0.288   3.566   1.00 39.23 ? 25   HOH B O   1 
HETATM 536 O O   . HOH E 4 .  ? -13.733 -4.287  -2.429  1.00 46.68 ? 39   HOH B O   1 
HETATM 537 O O   . HOH E 4 .  ? 7.628   9.476   7.934   1.00 51.60 ? 49   HOH B O   1 
HETATM 538 O O   . HOH E 4 .  ? 11.331  12.368  1.520   1.00 44.98 ? 52   HOH B O   1 
HETATM 539 O O   . HOH E 4 .  ? 12.747  9.853   2.671   1.00 41.93 ? 53   HOH B O   1 
HETATM 540 O O   . HOH E 4 .  ? 11.431  16.622  0.815   1.00 58.24 ? 54   HOH B O   1 
HETATM 541 O O   . HOH E 4 .  ? -7.037  -9.744  -18.119 1.00 42.93 ? 55   HOH B O   1 
# 
loop_
_pdbx_poly_seq_scheme.asym_id 
_pdbx_poly_seq_scheme.entity_id 
_pdbx_poly_seq_scheme.seq_id 
_pdbx_poly_seq_scheme.mon_id 
_pdbx_poly_seq_scheme.ndb_seq_num 
_pdbx_poly_seq_scheme.pdb_seq_num 
_pdbx_poly_seq_scheme.auth_seq_num 
_pdbx_poly_seq_scheme.pdb_mon_id 
_pdbx_poly_seq_scheme.auth_mon_id 
_pdbx_poly_seq_scheme.pdb_strand_id 
_pdbx_poly_seq_scheme.pdb_ins_code 
_pdbx_poly_seq_scheme.hetero 
A 1 1  MET 1  20 ?  ?   ?   A . n 
A 1 2  LYS 2  21 21 LYS LYS A . n 
A 1 3  THR 3  22 22 THR THR A . n 
A 1 4  GLU 4  23 23 GLU GLU A . n 
A 1 5  TRP 5  24 24 TRP TRP A . n 
A 1 6  PRO 6  25 25 PRO PRO A . n 
A 1 7  GLU 7  26 26 GLU GLU A . n 
A 1 8  LEU 8  27 27 LEU LEU A . n 
A 1 9  VAL 9  28 28 VAL VAL A . n 
A 1 10 GLY 10 29 29 GLY GLY A . n 
A 1 11 LYS 11 30 30 LYS LYS A . n 
A 1 12 SER 12 31 31 SER SER A . n 
A 1 13 VAL 13 32 32 VAL VAL A . n 
A 1 14 GLU 14 33 33 GLU GLU A . n 
A 1 15 GLU 15 34 34 GLU GLU A . n 
A 1 16 ALA 16 35 35 ALA ALA A . n 
A 1 17 LYS 17 36 36 LYS LYS A . n 
A 1 18 LYS 18 37 37 LYS LYS A . n 
A 1 19 VAL 19 38 38 VAL VAL A . n 
A 1 20 ILE 20 39 39 ILE ILE A . n 
A 1 21 LEU 21 40 40 LEU LEU A . n 
A 1 22 GLN 22 41 41 GLN GLN A . n 
A 1 23 ASP 23 42 42 ASP ASP A . n 
A 1 24 LYS 24 43 43 LYS LYS A . n 
A 1 25 PRO 25 44 44 PRO PRO A . n 
A 1 26 GLU 26 45 45 GLU GLU A . n 
A 1 27 ALA 27 46 46 ALA ALA A . n 
A 1 28 GLN 28 47 47 GLN GLN A . n 
A 1 29 ILE 29 48 48 ILE ILE A . n 
A 1 30 ILE 30 49 49 ILE ILE A . n 
A 1 31 VAL 31 50 50 VAL VAL A . n 
A 1 32 LEU 32 51 51 LEU LEU A . n 
A 1 33 PRO 33 52 52 PRO PRO A . n 
A 1 34 VAL 34 53 53 VAL VAL A . n 
A 1 35 GLY 35 54 54 GLY GLY A . n 
A 1 36 THR 36 55 55 THR THR A . n 
A 1 37 ILE 37 56 56 ILE ILE A . n 
A 1 38 VAL 38 57 57 VAL VAL A . n 
A 1 39 THR 39 58 ?  ?   ?   A . n 
A 1 40 MET 40 59 ?  ?   ?   A . n 
A 1 41 GLY 41 60 ?  ?   ?   A . n 
A 1 42 GLN 42 61 ?  ?   ?   A . n 
A 1 43 GLN 43 62 ?  ?   ?   A . n 
A 1 44 GLN 44 63 ?  ?   ?   A . n 
A 1 45 GLN 45 64 ?  ?   ?   A . n 
A 1 46 GLY 46 65 ?  ?   ?   A . n 
A 1 47 MET 47 66 ?  ?   ?   A . n 
B 2 1  GLU 1  60 ?  ?   ?   B . n 
B 2 2  TYR 2  61 61 TYR TYR B . n 
B 2 3  ARG 3  62 62 ARG ARG B . n 
B 2 4  ILE 4  63 63 ILE ILE B . n 
B 2 5  ASP 5  64 64 ASP ASP B . n 
B 2 6  ARG 6  65 65 ARG ARG B . n 
B 2 7  VAL 7  66 66 VAL VAL B . n 
B 2 8  ARG 8  67 67 ARG ARG B . n 
B 2 9  LEU 9  68 68 LEU LEU B . n 
B 2 10 PHE 10 69 69 PHE PHE B . n 
B 2 11 VAL 11 70 70 VAL VAL B . n 
B 2 12 ASP 12 71 71 ASP ASP B . n 
B 2 13 LYS 13 72 72 LYS LYS B . n 
B 2 14 LEU 14 73 73 LEU LEU B . n 
B 2 15 ASP 15 74 74 ASP ASP B . n 
B 2 16 ASN 16 75 75 ASN ASN B . n 
B 2 17 ILE 17 76 76 ILE ILE B . n 
B 2 18 ALA 18 77 77 ALA ALA B . n 
B 2 19 GLN 19 78 78 GLN GLN B . n 
B 2 20 VAL 20 79 79 VAL VAL B . n 
B 2 21 PRO 21 80 80 PRO PRO B . n 
B 2 22 ARG 22 81 81 ARG ARG B . n 
B 2 23 VAL 23 82 82 VAL VAL B . n 
B 2 24 GLY 24 83 83 GLY GLY B . n 
# 
loop_
_pdbx_nonpoly_scheme.asym_id 
_pdbx_nonpoly_scheme.entity_id 
_pdbx_nonpoly_scheme.mon_id 
_pdbx_nonpoly_scheme.ndb_seq_num 
_pdbx_nonpoly_scheme.pdb_seq_num 
_pdbx_nonpoly_scheme.auth_seq_num 
_pdbx_nonpoly_scheme.pdb_mon_id 
_pdbx_nonpoly_scheme.auth_mon_id 
_pdbx_nonpoly_scheme.pdb_strand_id 
_pdbx_nonpoly_scheme.pdb_ins_code 
C 3 SO4 1  1001 1001 SO4 SO4 B . 
D 4 HOH 1  67   2    HOH HOH A . 
D 4 HOH 2  68   3    HOH HOH A . 
D 4 HOH 3  69   8    HOH HOH A . 
D 4 HOH 4  70   12   HOH HOH A . 
D 4 HOH 5  71   13   HOH HOH A . 
D 4 HOH 6  72   14   HOH HOH A . 
D 4 HOH 7  73   15   HOH HOH A . 
D 4 HOH 8  74   24   HOH HOH A . 
D 4 HOH 9  75   26   HOH HOH A . 
D 4 HOH 10 76   27   HOH HOH A . 
D 4 HOH 11 77   28   HOH HOH A . 
D 4 HOH 12 78   29   HOH HOH A . 
D 4 HOH 13 79   30   HOH HOH A . 
D 4 HOH 14 80   31   HOH HOH A . 
D 4 HOH 15 81   32   HOH HOH A . 
D 4 HOH 16 82   33   HOH HOH A . 
D 4 HOH 17 83   34   HOH HOH A . 
D 4 HOH 18 84   35   HOH HOH A . 
D 4 HOH 19 85   36   HOH HOH A . 
D 4 HOH 20 86   37   HOH HOH A . 
D 4 HOH 21 87   38   HOH HOH A . 
D 4 HOH 22 88   40   HOH HOH A . 
D 4 HOH 23 89   41   HOH HOH A . 
D 4 HOH 24 90   42   HOH HOH A . 
D 4 HOH 25 91   43   HOH HOH A . 
D 4 HOH 26 92   44   HOH HOH A . 
D 4 HOH 27 93   45   HOH HOH A . 
D 4 HOH 28 94   46   HOH HOH A . 
D 4 HOH 29 95   47   HOH HOH A . 
D 4 HOH 30 96   48   HOH HOH A . 
D 4 HOH 31 97   50   HOH HOH A . 
D 4 HOH 32 98   51   HOH HOH A . 
E 4 HOH 1  1    1    HOH HOH B . 
E 4 HOH 2  4    4    HOH HOH B . 
E 4 HOH 3  5    5    HOH HOH B . 
E 4 HOH 4  6    6    HOH HOH B . 
E 4 HOH 5  7    7    HOH HOH B . 
E 4 HOH 6  9    9    HOH HOH B . 
E 4 HOH 7  10   10   HOH HOH B . 
E 4 HOH 8  11   11   HOH HOH B . 
E 4 HOH 9  16   16   HOH HOH B . 
E 4 HOH 10 17   17   HOH HOH B . 
E 4 HOH 11 18   18   HOH HOH B . 
E 4 HOH 12 19   19   HOH HOH B . 
E 4 HOH 13 20   20   HOH HOH B . 
E 4 HOH 14 21   21   HOH HOH B . 
E 4 HOH 15 22   22   HOH HOH B . 
E 4 HOH 16 23   23   HOH HOH B . 
E 4 HOH 17 25   25   HOH HOH B . 
E 4 HOH 18 39   39   HOH HOH B . 
E 4 HOH 19 49   49   HOH HOH B . 
E 4 HOH 20 52   52   HOH HOH B . 
E 4 HOH 21 53   53   HOH HOH B . 
E 4 HOH 22 54   54   HOH HOH B . 
E 4 HOH 23 55   55   HOH HOH B . 
# 
loop_
_pdbx_struct_assembly.id 
_pdbx_struct_assembly.details 
_pdbx_struct_assembly.method_details 
_pdbx_struct_assembly.oligomeric_details 
_pdbx_struct_assembly.oligomeric_count 
1 author_defined_assembly   ?    tetrameric  4  
2 software_defined_assembly PISA dodecameric 12 
3 software_defined_assembly PQS  24-meric    24 
# 
loop_
_pdbx_struct_assembly_gen.assembly_id 
_pdbx_struct_assembly_gen.oper_expression 
_pdbx_struct_assembly_gen.asym_id_list 
1 1,2                        A,B,C,D,E 
2 1,3,4,5,6,2                A,B,C,D,E 
3 1,3,4,5,6,2,7,8,9,10,11,12 A,B,C,D,E 
# 
loop_
_pdbx_struct_assembly_prop.biol_id 
_pdbx_struct_assembly_prop.type 
_pdbx_struct_assembly_prop.value 
_pdbx_struct_assembly_prop.details 
2 'ABSA (A^2)' 19290 ? 
2 MORE         -226  ? 
2 'SSA (A^2)'  17310 ? 
# 
loop_
_pdbx_struct_oper_list.id 
_pdbx_struct_oper_list.type 
_pdbx_struct_oper_list.name 
_pdbx_struct_oper_list.symmetry_operation 
_pdbx_struct_oper_list.matrix[1][1] 
_pdbx_struct_oper_list.matrix[1][2] 
_pdbx_struct_oper_list.matrix[1][3] 
_pdbx_struct_oper_list.vector[1] 
_pdbx_struct_oper_list.matrix[2][1] 
_pdbx_struct_oper_list.matrix[2][2] 
_pdbx_struct_oper_list.matrix[2][3] 
_pdbx_struct_oper_list.vector[2] 
_pdbx_struct_oper_list.matrix[3][1] 
_pdbx_struct_oper_list.matrix[3][2] 
_pdbx_struct_oper_list.matrix[3][3] 
_pdbx_struct_oper_list.vector[3] 
1  'identity operation'         1_555  x,y,z        1.0000000000  0.0000000000  0.0000000000  0.0000000000   0.0000000000  1.0000000000  0.0000000000  0.0000000000   0.0000000000  0.0000000000  1.0000000000  0.0000000000   
2  'crystal symmetry operation' 6_555  x-y,x,z      0.9653616499  -0.1621042252 0.2044482944  4.1182095580   -0.0884872777 0.5337351076  0.8410094153  17.2913104454  -0.2454524121 -0.8299693097 0.5009032425  -12.1973575380 
3  'crystal symmetry operation' 2_555  -y,x-y,z     0.8960849497  -0.4126957282 0.1634441767  2.7970477035   -0.3390787807 -0.3987946771 0.8520495208  15.8977882030  -0.2864565298 -0.8189292042 -0.4972902725 -33.6691349421 
4  'crystal symmetry operation' 3_555  -x+y,-x,z    0.8960849497  -0.3390787807 -0.2864565298 -6.7605332672  -0.4126957282 -0.3987946771 -0.8189292042 -20.0783549303 0.1634441767  0.8520495208  -0.4972902725 -30.7461972704 
5  'crystal symmetry operation' 4_555  -x,-y,z      0.8614465995  -0.5011830060 -0.0820082354 -2.6423237092  -0.5011830060 -0.8650595695 0.0220802111  -2.7870444849  -0.0820082354 0.0220802111  -0.9963870300 -42.9435548083 
6  'crystal symmetry operation' 5_555  y,-x+y,z     0.9653616499  -0.0884872777 -0.2454524121 -5.4393714126  -0.1621042252 0.5337351076  -0.8299693097 -18.6848326879 0.2044482944  0.8410094153  0.5009032425  -9.2744198662  
7  'crystal symmetry operation' 7_556  y,x,-z+1     -0.9696144983 0.1450853543  -0.1969719893 -32.0116484228 0.1450853543  -0.3072432941 -0.9405061394 -14.9902996073 -0.1969719893 -0.9405061394 0.2768577925  -15.9797488816 
8  'crystal symmetry operation' 8_556  x-y,-y,-z+1  -0.8616284115 0.5036026089  0.0630943174  -25.7852937076 0.5036026089  0.8328588285  0.2296314091  12.1970503531  0.0630943174  0.2296314091  -0.9712304171 -40.8042187136 
9  'crystal symmetry operation' 9_556  -x,-x+y,-z+1 -0.9609269895 0.1030865458  0.2568900249  -22.3134729495 0.1030865458  -0.7280261801 0.6777544136  19.1147732335  0.2568900249  0.6777544136  0.6889531696  -4.2766214189  
10 'crystal symmetry operation' 10_556 -y,-x,-z+1   -0.8918321012 0.3560976517  0.2789802247  -21.3952949638 0.3560976517  0.1723028637  0.9184259282  25.8713155935  0.2789802247  0.9184259282  -0.2804707625 -24.7273104612 
11 'crystal symmetry operation' 11_556 -x+y,y,-z+1  -0.9998181881 -0.0024196029 0.0189139180  -27.6216496790 -0.0024196029 -0.9677992590 -0.2517116202 -1.3160343669  0.0189139180  -0.2517116202 0.9676174471  0.0971593709   
12 'crystal symmetry operation' 12_556 x,x-y,-z+1   -0.9005196100 0.3980964602  -0.1748817896 -31.0934704370 0.3980964602  0.5930857496  -0.6998346247 -8.2337572473  -0.1748817896 -0.6998346247 -0.6925661396 -36.4304379239 
# 
loop_
_pdbx_audit_revision_history.ordinal 
_pdbx_audit_revision_history.data_content_type 
_pdbx_audit_revision_history.major_revision 
_pdbx_audit_revision_history.minor_revision 
_pdbx_audit_revision_history.revision_date 
1 'Structure model' 1 0 1998-11-25 
2 'Structure model' 1 1 2008-04-27 
3 'Structure model' 1 2 2011-07-13 
4 'Structure model' 1 3 2021-11-03 
5 'Structure model' 1 4 2023-08-09 
# 
_pdbx_audit_revision_details.ordinal             1 
_pdbx_audit_revision_details.revision_ordinal    1 
_pdbx_audit_revision_details.data_content_type   'Structure model' 
_pdbx_audit_revision_details.provider            repository 
_pdbx_audit_revision_details.type                'Initial release' 
_pdbx_audit_revision_details.description         ? 
_pdbx_audit_revision_details.details             ? 
# 
loop_
_pdbx_audit_revision_group.ordinal 
_pdbx_audit_revision_group.revision_ordinal 
_pdbx_audit_revision_group.data_content_type 
_pdbx_audit_revision_group.group 
1 2 'Structure model' 'Version format compliance' 
2 3 'Structure model' 'Derived calculations'      
3 3 'Structure model' 'Version format compliance' 
4 4 'Structure model' 'Data collection'           
5 4 'Structure model' 'Database references'       
6 4 'Structure model' 'Derived calculations'      
7 5 'Structure model' 'Data collection'           
8 5 'Structure model' 'Refinement description'    
# 
loop_
_pdbx_audit_revision_category.ordinal 
_pdbx_audit_revision_category.revision_ordinal 
_pdbx_audit_revision_category.data_content_type 
_pdbx_audit_revision_category.category 
1 4 'Structure model' database_2                    
2 4 'Structure model' diffrn_source                 
3 4 'Structure model' struct_ref_seq_dif            
4 4 'Structure model' struct_site                   
5 5 'Structure model' chem_comp_atom                
6 5 'Structure model' chem_comp_bond                
7 5 'Structure model' pdbx_initial_refinement_model 
# 
loop_
_pdbx_audit_revision_item.ordinal 
_pdbx_audit_revision_item.revision_ordinal 
_pdbx_audit_revision_item.data_content_type 
_pdbx_audit_revision_item.item 
1 4 'Structure model' '_database_2.pdbx_DOI'                 
2 4 'Structure model' '_database_2.pdbx_database_accession'  
3 4 'Structure model' '_diffrn_source.pdbx_synchrotron_site' 
4 4 'Structure model' '_struct_ref_seq_dif.details'          
5 4 'Structure model' '_struct_site.pdbx_auth_asym_id'       
6 4 'Structure model' '_struct_site.pdbx_auth_comp_id'       
7 4 'Structure model' '_struct_site.pdbx_auth_seq_id'        
# 
loop_
_software.name 
_software.classification 
_software.version 
_software.citation_id 
_software.pdbx_ordinal 
AMoRE  phasing          .         ? 1 
REFMAC refinement       .         ? 2 
MOSFLM 'data reduction' .         ? 3 
CCP4   'data scaling'   '(SCALA)' ? 4 
# 
loop_
_pdbx_validate_close_contact.id 
_pdbx_validate_close_contact.PDB_model_num 
_pdbx_validate_close_contact.auth_atom_id_1 
_pdbx_validate_close_contact.auth_asym_id_1 
_pdbx_validate_close_contact.auth_comp_id_1 
_pdbx_validate_close_contact.auth_seq_id_1 
_pdbx_validate_close_contact.PDB_ins_code_1 
_pdbx_validate_close_contact.label_alt_id_1 
_pdbx_validate_close_contact.auth_atom_id_2 
_pdbx_validate_close_contact.auth_asym_id_2 
_pdbx_validate_close_contact.auth_comp_id_2 
_pdbx_validate_close_contact.auth_seq_id_2 
_pdbx_validate_close_contact.PDB_ins_code_2 
_pdbx_validate_close_contact.label_alt_id_2 
_pdbx_validate_close_contact.dist 
1 1 OE1 A GLU 34 ? ? O A HOH 88 ? ? 0.21 
2 1 CD  A GLU 34 ? ? O A HOH 88 ? ? 1.21 
3 1 OE2 A GLU 34 ? ? O A HOH 88 ? ? 1.95 
# 
_pdbx_validate_symm_contact.id                1 
_pdbx_validate_symm_contact.PDB_model_num     1 
_pdbx_validate_symm_contact.auth_atom_id_1    OE2 
_pdbx_validate_symm_contact.auth_asym_id_1    A 
_pdbx_validate_symm_contact.auth_comp_id_1    GLU 
_pdbx_validate_symm_contact.auth_seq_id_1     33 
_pdbx_validate_symm_contact.PDB_ins_code_1    ? 
_pdbx_validate_symm_contact.label_alt_id_1    ? 
_pdbx_validate_symm_contact.site_symmetry_1   1_555 
_pdbx_validate_symm_contact.auth_atom_id_2    OE2 
_pdbx_validate_symm_contact.auth_asym_id_2    A 
_pdbx_validate_symm_contact.auth_comp_id_2    GLU 
_pdbx_validate_symm_contact.auth_seq_id_2     34 
_pdbx_validate_symm_contact.PDB_ins_code_2    ? 
_pdbx_validate_symm_contact.label_alt_id_2    ? 
_pdbx_validate_symm_contact.site_symmetry_2   11_556 
_pdbx_validate_symm_contact.dist              1.00 
# 
loop_
_pdbx_validate_rmsd_angle.id 
_pdbx_validate_rmsd_angle.PDB_model_num 
_pdbx_validate_rmsd_angle.auth_atom_id_1 
_pdbx_validate_rmsd_angle.auth_asym_id_1 
_pdbx_validate_rmsd_angle.auth_comp_id_1 
_pdbx_validate_rmsd_angle.auth_seq_id_1 
_pdbx_validate_rmsd_angle.PDB_ins_code_1 
_pdbx_validate_rmsd_angle.label_alt_id_1 
_pdbx_validate_rmsd_angle.auth_atom_id_2 
_pdbx_validate_rmsd_angle.auth_asym_id_2 
_pdbx_validate_rmsd_angle.auth_comp_id_2 
_pdbx_validate_rmsd_angle.auth_seq_id_2 
_pdbx_validate_rmsd_angle.PDB_ins_code_2 
_pdbx_validate_rmsd_angle.label_alt_id_2 
_pdbx_validate_rmsd_angle.auth_atom_id_3 
_pdbx_validate_rmsd_angle.auth_asym_id_3 
_pdbx_validate_rmsd_angle.auth_comp_id_3 
_pdbx_validate_rmsd_angle.auth_seq_id_3 
_pdbx_validate_rmsd_angle.PDB_ins_code_3 
_pdbx_validate_rmsd_angle.label_alt_id_3 
_pdbx_validate_rmsd_angle.angle_value 
_pdbx_validate_rmsd_angle.angle_target_value 
_pdbx_validate_rmsd_angle.angle_deviation 
_pdbx_validate_rmsd_angle.angle_standard_deviation 
_pdbx_validate_rmsd_angle.linker_flag 
1 1 CA  A GLU 34 ? ? CB A GLU 34 ? ? CG  A GLU 34 ? ? 128.11 113.40 14.71  2.20 N 
2 1 CB  A GLU 34 ? ? CG A GLU 34 ? ? CD  A GLU 34 ? ? 135.97 114.20 21.77  2.70 N 
3 1 OE1 A GLU 34 ? ? CD A GLU 34 ? ? OE2 A GLU 34 ? ? 110.60 123.30 -12.70 1.20 N 
4 1 OE1 A GLU 45 ? ? CD A GLU 45 ? ? OE2 A GLU 45 ? ? 115.61 123.30 -7.69  1.20 N 
5 1 CD  B ARG 62 ? ? NE B ARG 62 ? ? CZ  B ARG 62 ? ? 132.49 123.60 8.89   1.40 N 
6 1 CB  B ASP 71 ? ? CG B ASP 71 ? ? OD1 B ASP 71 ? ? 125.64 118.30 7.34   0.90 N 
# 
loop_
_pdbx_unobs_or_zero_occ_atoms.id 
_pdbx_unobs_or_zero_occ_atoms.PDB_model_num 
_pdbx_unobs_or_zero_occ_atoms.polymer_flag 
_pdbx_unobs_or_zero_occ_atoms.occupancy_flag 
_pdbx_unobs_or_zero_occ_atoms.auth_asym_id 
_pdbx_unobs_or_zero_occ_atoms.auth_comp_id 
_pdbx_unobs_or_zero_occ_atoms.auth_seq_id 
_pdbx_unobs_or_zero_occ_atoms.PDB_ins_code 
_pdbx_unobs_or_zero_occ_atoms.auth_atom_id 
_pdbx_unobs_or_zero_occ_atoms.label_alt_id 
_pdbx_unobs_or_zero_occ_atoms.label_asym_id 
_pdbx_unobs_or_zero_occ_atoms.label_comp_id 
_pdbx_unobs_or_zero_occ_atoms.label_seq_id 
_pdbx_unobs_or_zero_occ_atoms.label_atom_id 
1 1 Y 0 A GLU 34 ? C   ? A GLU 15 C   
2 1 Y 0 A GLU 34 ? CG  ? A GLU 15 CG  
3 1 Y 0 A GLU 34 ? CD  ? A GLU 15 CD  
4 1 Y 0 A GLU 34 ? OE1 ? A GLU 15 OE1 
5 1 Y 0 A GLU 34 ? OE2 ? A GLU 15 OE2 
6 1 Y 0 A LYS 37 ? CD  ? A LYS 18 CD  
7 1 Y 0 A LYS 37 ? CE  ? A LYS 18 CE  
8 1 Y 0 A LYS 37 ? NZ  ? A LYS 18 NZ  
# 
loop_
_pdbx_unobs_or_zero_occ_residues.id 
_pdbx_unobs_or_zero_occ_residues.PDB_model_num 
_pdbx_unobs_or_zero_occ_residues.polymer_flag 
_pdbx_unobs_or_zero_occ_residues.occupancy_flag 
_pdbx_unobs_or_zero_occ_residues.auth_asym_id 
_pdbx_unobs_or_zero_occ_residues.auth_comp_id 
_pdbx_unobs_or_zero_occ_residues.auth_seq_id 
_pdbx_unobs_or_zero_occ_residues.PDB_ins_code 
_pdbx_unobs_or_zero_occ_residues.label_asym_id 
_pdbx_unobs_or_zero_occ_residues.label_comp_id 
_pdbx_unobs_or_zero_occ_residues.label_seq_id 
1  1 Y 1 A MET 20 ? A MET 1  
2  1 Y 1 A THR 58 ? A THR 39 
3  1 Y 1 A MET 59 ? A MET 40 
4  1 Y 1 A GLY 60 ? A GLY 41 
5  1 Y 1 A GLN 61 ? A GLN 42 
6  1 Y 1 A GLN 62 ? A GLN 43 
7  1 Y 1 A GLN 63 ? A GLN 44 
8  1 Y 1 A GLN 64 ? A GLN 45 
9  1 Y 1 A GLY 65 ? A GLY 46 
10 1 Y 1 A MET 66 ? A MET 47 
11 1 Y 1 B GLU 60 ? B GLU 1  
# 
loop_
_chem_comp_atom.comp_id 
_chem_comp_atom.atom_id 
_chem_comp_atom.type_symbol 
_chem_comp_atom.pdbx_aromatic_flag 
_chem_comp_atom.pdbx_stereo_config 
_chem_comp_atom.pdbx_ordinal 
ALA N    N N N 1   
ALA CA   C N S 2   
ALA C    C N N 3   
ALA O    O N N 4   
ALA CB   C N N 5   
ALA OXT  O N N 6   
ALA H    H N N 7   
ALA H2   H N N 8   
ALA HA   H N N 9   
ALA HB1  H N N 10  
ALA HB2  H N N 11  
ALA HB3  H N N 12  
ALA HXT  H N N 13  
ARG N    N N N 14  
ARG CA   C N S 15  
ARG C    C N N 16  
ARG O    O N N 17  
ARG CB   C N N 18  
ARG CG   C N N 19  
ARG CD   C N N 20  
ARG NE   N N N 21  
ARG CZ   C N N 22  
ARG NH1  N N N 23  
ARG NH2  N N N 24  
ARG OXT  O N N 25  
ARG H    H N N 26  
ARG H2   H N N 27  
ARG HA   H N N 28  
ARG HB2  H N N 29  
ARG HB3  H N N 30  
ARG HG2  H N N 31  
ARG HG3  H N N 32  
ARG HD2  H N N 33  
ARG HD3  H N N 34  
ARG HE   H N N 35  
ARG HH11 H N N 36  
ARG HH12 H N N 37  
ARG HH21 H N N 38  
ARG HH22 H N N 39  
ARG HXT  H N N 40  
ASN N    N N N 41  
ASN CA   C N S 42  
ASN C    C N N 43  
ASN O    O N N 44  
ASN CB   C N N 45  
ASN CG   C N N 46  
ASN OD1  O N N 47  
ASN ND2  N N N 48  
ASN OXT  O N N 49  
ASN H    H N N 50  
ASN H2   H N N 51  
ASN HA   H N N 52  
ASN HB2  H N N 53  
ASN HB3  H N N 54  
ASN HD21 H N N 55  
ASN HD22 H N N 56  
ASN HXT  H N N 57  
ASP N    N N N 58  
ASP CA   C N S 59  
ASP C    C N N 60  
ASP O    O N N 61  
ASP CB   C N N 62  
ASP CG   C N N 63  
ASP OD1  O N N 64  
ASP OD2  O N N 65  
ASP OXT  O N N 66  
ASP H    H N N 67  
ASP H2   H N N 68  
ASP HA   H N N 69  
ASP HB2  H N N 70  
ASP HB3  H N N 71  
ASP HD2  H N N 72  
ASP HXT  H N N 73  
GLN N    N N N 74  
GLN CA   C N S 75  
GLN C    C N N 76  
GLN O    O N N 77  
GLN CB   C N N 78  
GLN CG   C N N 79  
GLN CD   C N N 80  
GLN OE1  O N N 81  
GLN NE2  N N N 82  
GLN OXT  O N N 83  
GLN H    H N N 84  
GLN H2   H N N 85  
GLN HA   H N N 86  
GLN HB2  H N N 87  
GLN HB3  H N N 88  
GLN HG2  H N N 89  
GLN HG3  H N N 90  
GLN HE21 H N N 91  
GLN HE22 H N N 92  
GLN HXT  H N N 93  
GLU N    N N N 94  
GLU CA   C N S 95  
GLU C    C N N 96  
GLU O    O N N 97  
GLU CB   C N N 98  
GLU CG   C N N 99  
GLU CD   C N N 100 
GLU OE1  O N N 101 
GLU OE2  O N N 102 
GLU OXT  O N N 103 
GLU H    H N N 104 
GLU H2   H N N 105 
GLU HA   H N N 106 
GLU HB2  H N N 107 
GLU HB3  H N N 108 
GLU HG2  H N N 109 
GLU HG3  H N N 110 
GLU HE2  H N N 111 
GLU HXT  H N N 112 
GLY N    N N N 113 
GLY CA   C N N 114 
GLY C    C N N 115 
GLY O    O N N 116 
GLY OXT  O N N 117 
GLY H    H N N 118 
GLY H2   H N N 119 
GLY HA2  H N N 120 
GLY HA3  H N N 121 
GLY HXT  H N N 122 
HOH O    O N N 123 
HOH H1   H N N 124 
HOH H2   H N N 125 
ILE N    N N N 126 
ILE CA   C N S 127 
ILE C    C N N 128 
ILE O    O N N 129 
ILE CB   C N S 130 
ILE CG1  C N N 131 
ILE CG2  C N N 132 
ILE CD1  C N N 133 
ILE OXT  O N N 134 
ILE H    H N N 135 
ILE H2   H N N 136 
ILE HA   H N N 137 
ILE HB   H N N 138 
ILE HG12 H N N 139 
ILE HG13 H N N 140 
ILE HG21 H N N 141 
ILE HG22 H N N 142 
ILE HG23 H N N 143 
ILE HD11 H N N 144 
ILE HD12 H N N 145 
ILE HD13 H N N 146 
ILE HXT  H N N 147 
LEU N    N N N 148 
LEU CA   C N S 149 
LEU C    C N N 150 
LEU O    O N N 151 
LEU CB   C N N 152 
LEU CG   C N N 153 
LEU CD1  C N N 154 
LEU CD2  C N N 155 
LEU OXT  O N N 156 
LEU H    H N N 157 
LEU H2   H N N 158 
LEU HA   H N N 159 
LEU HB2  H N N 160 
LEU HB3  H N N 161 
LEU HG   H N N 162 
LEU HD11 H N N 163 
LEU HD12 H N N 164 
LEU HD13 H N N 165 
LEU HD21 H N N 166 
LEU HD22 H N N 167 
LEU HD23 H N N 168 
LEU HXT  H N N 169 
LYS N    N N N 170 
LYS CA   C N S 171 
LYS C    C N N 172 
LYS O    O N N 173 
LYS CB   C N N 174 
LYS CG   C N N 175 
LYS CD   C N N 176 
LYS CE   C N N 177 
LYS NZ   N N N 178 
LYS OXT  O N N 179 
LYS H    H N N 180 
LYS H2   H N N 181 
LYS HA   H N N 182 
LYS HB2  H N N 183 
LYS HB3  H N N 184 
LYS HG2  H N N 185 
LYS HG3  H N N 186 
LYS HD2  H N N 187 
LYS HD3  H N N 188 
LYS HE2  H N N 189 
LYS HE3  H N N 190 
LYS HZ1  H N N 191 
LYS HZ2  H N N 192 
LYS HZ3  H N N 193 
LYS HXT  H N N 194 
MET N    N N N 195 
MET CA   C N S 196 
MET C    C N N 197 
MET O    O N N 198 
MET CB   C N N 199 
MET CG   C N N 200 
MET SD   S N N 201 
MET CE   C N N 202 
MET OXT  O N N 203 
MET H    H N N 204 
MET H2   H N N 205 
MET HA   H N N 206 
MET HB2  H N N 207 
MET HB3  H N N 208 
MET HG2  H N N 209 
MET HG3  H N N 210 
MET HE1  H N N 211 
MET HE2  H N N 212 
MET HE3  H N N 213 
MET HXT  H N N 214 
PHE N    N N N 215 
PHE CA   C N S 216 
PHE C    C N N 217 
PHE O    O N N 218 
PHE CB   C N N 219 
PHE CG   C Y N 220 
PHE CD1  C Y N 221 
PHE CD2  C Y N 222 
PHE CE1  C Y N 223 
PHE CE2  C Y N 224 
PHE CZ   C Y N 225 
PHE OXT  O N N 226 
PHE H    H N N 227 
PHE H2   H N N 228 
PHE HA   H N N 229 
PHE HB2  H N N 230 
PHE HB3  H N N 231 
PHE HD1  H N N 232 
PHE HD2  H N N 233 
PHE HE1  H N N 234 
PHE HE2  H N N 235 
PHE HZ   H N N 236 
PHE HXT  H N N 237 
PRO N    N N N 238 
PRO CA   C N S 239 
PRO C    C N N 240 
PRO O    O N N 241 
PRO CB   C N N 242 
PRO CG   C N N 243 
PRO CD   C N N 244 
PRO OXT  O N N 245 
PRO H    H N N 246 
PRO HA   H N N 247 
PRO HB2  H N N 248 
PRO HB3  H N N 249 
PRO HG2  H N N 250 
PRO HG3  H N N 251 
PRO HD2  H N N 252 
PRO HD3  H N N 253 
PRO HXT  H N N 254 
SER N    N N N 255 
SER CA   C N S 256 
SER C    C N N 257 
SER O    O N N 258 
SER CB   C N N 259 
SER OG   O N N 260 
SER OXT  O N N 261 
SER H    H N N 262 
SER H2   H N N 263 
SER HA   H N N 264 
SER HB2  H N N 265 
SER HB3  H N N 266 
SER HG   H N N 267 
SER HXT  H N N 268 
SO4 S    S N N 269 
SO4 O1   O N N 270 
SO4 O2   O N N 271 
SO4 O3   O N N 272 
SO4 O4   O N N 273 
THR N    N N N 274 
THR CA   C N S 275 
THR C    C N N 276 
THR O    O N N 277 
THR CB   C N R 278 
THR OG1  O N N 279 
THR CG2  C N N 280 
THR OXT  O N N 281 
THR H    H N N 282 
THR H2   H N N 283 
THR HA   H N N 284 
THR HB   H N N 285 
THR HG1  H N N 286 
THR HG21 H N N 287 
THR HG22 H N N 288 
THR HG23 H N N 289 
THR HXT  H N N 290 
TRP N    N N N 291 
TRP CA   C N S 292 
TRP C    C N N 293 
TRP O    O N N 294 
TRP CB   C N N 295 
TRP CG   C Y N 296 
TRP CD1  C Y N 297 
TRP CD2  C Y N 298 
TRP NE1  N Y N 299 
TRP CE2  C Y N 300 
TRP CE3  C Y N 301 
TRP CZ2  C Y N 302 
TRP CZ3  C Y N 303 
TRP CH2  C Y N 304 
TRP OXT  O N N 305 
TRP H    H N N 306 
TRP H2   H N N 307 
TRP HA   H N N 308 
TRP HB2  H N N 309 
TRP HB3  H N N 310 
TRP HD1  H N N 311 
TRP HE1  H N N 312 
TRP HE3  H N N 313 
TRP HZ2  H N N 314 
TRP HZ3  H N N 315 
TRP HH2  H N N 316 
TRP HXT  H N N 317 
TYR N    N N N 318 
TYR CA   C N S 319 
TYR C    C N N 320 
TYR O    O N N 321 
TYR CB   C N N 322 
TYR CG   C Y N 323 
TYR CD1  C Y N 324 
TYR CD2  C Y N 325 
TYR CE1  C Y N 326 
TYR CE2  C Y N 327 
TYR CZ   C Y N 328 
TYR OH   O N N 329 
TYR OXT  O N N 330 
TYR H    H N N 331 
TYR H2   H N N 332 
TYR HA   H N N 333 
TYR HB2  H N N 334 
TYR HB3  H N N 335 
TYR HD1  H N N 336 
TYR HD2  H N N 337 
TYR HE1  H N N 338 
TYR HE2  H N N 339 
TYR HH   H N N 340 
TYR HXT  H N N 341 
VAL N    N N N 342 
VAL CA   C N S 343 
VAL C    C N N 344 
VAL O    O N N 345 
VAL CB   C N N 346 
VAL CG1  C N N 347 
VAL CG2  C N N 348 
VAL OXT  O N N 349 
VAL H    H N N 350 
VAL H2   H N N 351 
VAL HA   H N N 352 
VAL HB   H N N 353 
VAL HG11 H N N 354 
VAL HG12 H N N 355 
VAL HG13 H N N 356 
VAL HG21 H N N 357 
VAL HG22 H N N 358 
VAL HG23 H N N 359 
VAL HXT  H N N 360 
# 
loop_
_chem_comp_bond.comp_id 
_chem_comp_bond.atom_id_1 
_chem_comp_bond.atom_id_2 
_chem_comp_bond.value_order 
_chem_comp_bond.pdbx_aromatic_flag 
_chem_comp_bond.pdbx_stereo_config 
_chem_comp_bond.pdbx_ordinal 
ALA N   CA   sing N N 1   
ALA N   H    sing N N 2   
ALA N   H2   sing N N 3   
ALA CA  C    sing N N 4   
ALA CA  CB   sing N N 5   
ALA CA  HA   sing N N 6   
ALA C   O    doub N N 7   
ALA C   OXT  sing N N 8   
ALA CB  HB1  sing N N 9   
ALA CB  HB2  sing N N 10  
ALA CB  HB3  sing N N 11  
ALA OXT HXT  sing N N 12  
ARG N   CA   sing N N 13  
ARG N   H    sing N N 14  
ARG N   H2   sing N N 15  
ARG CA  C    sing N N 16  
ARG CA  CB   sing N N 17  
ARG CA  HA   sing N N 18  
ARG C   O    doub N N 19  
ARG C   OXT  sing N N 20  
ARG CB  CG   sing N N 21  
ARG CB  HB2  sing N N 22  
ARG CB  HB3  sing N N 23  
ARG CG  CD   sing N N 24  
ARG CG  HG2  sing N N 25  
ARG CG  HG3  sing N N 26  
ARG CD  NE   sing N N 27  
ARG CD  HD2  sing N N 28  
ARG CD  HD3  sing N N 29  
ARG NE  CZ   sing N N 30  
ARG NE  HE   sing N N 31  
ARG CZ  NH1  sing N N 32  
ARG CZ  NH2  doub N N 33  
ARG NH1 HH11 sing N N 34  
ARG NH1 HH12 sing N N 35  
ARG NH2 HH21 sing N N 36  
ARG NH2 HH22 sing N N 37  
ARG OXT HXT  sing N N 38  
ASN N   CA   sing N N 39  
ASN N   H    sing N N 40  
ASN N   H2   sing N N 41  
ASN CA  C    sing N N 42  
ASN CA  CB   sing N N 43  
ASN CA  HA   sing N N 44  
ASN C   O    doub N N 45  
ASN C   OXT  sing N N 46  
ASN CB  CG   sing N N 47  
ASN CB  HB2  sing N N 48  
ASN CB  HB3  sing N N 49  
ASN CG  OD1  doub N N 50  
ASN CG  ND2  sing N N 51  
ASN ND2 HD21 sing N N 52  
ASN ND2 HD22 sing N N 53  
ASN OXT HXT  sing N N 54  
ASP N   CA   sing N N 55  
ASP N   H    sing N N 56  
ASP N   H2   sing N N 57  
ASP CA  C    sing N N 58  
ASP CA  CB   sing N N 59  
ASP CA  HA   sing N N 60  
ASP C   O    doub N N 61  
ASP C   OXT  sing N N 62  
ASP CB  CG   sing N N 63  
ASP CB  HB2  sing N N 64  
ASP CB  HB3  sing N N 65  
ASP CG  OD1  doub N N 66  
ASP CG  OD2  sing N N 67  
ASP OD2 HD2  sing N N 68  
ASP OXT HXT  sing N N 69  
GLN N   CA   sing N N 70  
GLN N   H    sing N N 71  
GLN N   H2   sing N N 72  
GLN CA  C    sing N N 73  
GLN CA  CB   sing N N 74  
GLN CA  HA   sing N N 75  
GLN C   O    doub N N 76  
GLN C   OXT  sing N N 77  
GLN CB  CG   sing N N 78  
GLN CB  HB2  sing N N 79  
GLN CB  HB3  sing N N 80  
GLN CG  CD   sing N N 81  
GLN CG  HG2  sing N N 82  
GLN CG  HG3  sing N N 83  
GLN CD  OE1  doub N N 84  
GLN CD  NE2  sing N N 85  
GLN NE2 HE21 sing N N 86  
GLN NE2 HE22 sing N N 87  
GLN OXT HXT  sing N N 88  
GLU N   CA   sing N N 89  
GLU N   H    sing N N 90  
GLU N   H2   sing N N 91  
GLU CA  C    sing N N 92  
GLU CA  CB   sing N N 93  
GLU CA  HA   sing N N 94  
GLU C   O    doub N N 95  
GLU C   OXT  sing N N 96  
GLU CB  CG   sing N N 97  
GLU CB  HB2  sing N N 98  
GLU CB  HB3  sing N N 99  
GLU CG  CD   sing N N 100 
GLU CG  HG2  sing N N 101 
GLU CG  HG3  sing N N 102 
GLU CD  OE1  doub N N 103 
GLU CD  OE2  sing N N 104 
GLU OE2 HE2  sing N N 105 
GLU OXT HXT  sing N N 106 
GLY N   CA   sing N N 107 
GLY N   H    sing N N 108 
GLY N   H2   sing N N 109 
GLY CA  C    sing N N 110 
GLY CA  HA2  sing N N 111 
GLY CA  HA3  sing N N 112 
GLY C   O    doub N N 113 
GLY C   OXT  sing N N 114 
GLY OXT HXT  sing N N 115 
HOH O   H1   sing N N 116 
HOH O   H2   sing N N 117 
ILE N   CA   sing N N 118 
ILE N   H    sing N N 119 
ILE N   H2   sing N N 120 
ILE CA  C    sing N N 121 
ILE CA  CB   sing N N 122 
ILE CA  HA   sing N N 123 
ILE C   O    doub N N 124 
ILE C   OXT  sing N N 125 
ILE CB  CG1  sing N N 126 
ILE CB  CG2  sing N N 127 
ILE CB  HB   sing N N 128 
ILE CG1 CD1  sing N N 129 
ILE CG1 HG12 sing N N 130 
ILE CG1 HG13 sing N N 131 
ILE CG2 HG21 sing N N 132 
ILE CG2 HG22 sing N N 133 
ILE CG2 HG23 sing N N 134 
ILE CD1 HD11 sing N N 135 
ILE CD1 HD12 sing N N 136 
ILE CD1 HD13 sing N N 137 
ILE OXT HXT  sing N N 138 
LEU N   CA   sing N N 139 
LEU N   H    sing N N 140 
LEU N   H2   sing N N 141 
LEU CA  C    sing N N 142 
LEU CA  CB   sing N N 143 
LEU CA  HA   sing N N 144 
LEU C   O    doub N N 145 
LEU C   OXT  sing N N 146 
LEU CB  CG   sing N N 147 
LEU CB  HB2  sing N N 148 
LEU CB  HB3  sing N N 149 
LEU CG  CD1  sing N N 150 
LEU CG  CD2  sing N N 151 
LEU CG  HG   sing N N 152 
LEU CD1 HD11 sing N N 153 
LEU CD1 HD12 sing N N 154 
LEU CD1 HD13 sing N N 155 
LEU CD2 HD21 sing N N 156 
LEU CD2 HD22 sing N N 157 
LEU CD2 HD23 sing N N 158 
LEU OXT HXT  sing N N 159 
LYS N   CA   sing N N 160 
LYS N   H    sing N N 161 
LYS N   H2   sing N N 162 
LYS CA  C    sing N N 163 
LYS CA  CB   sing N N 164 
LYS CA  HA   sing N N 165 
LYS C   O    doub N N 166 
LYS C   OXT  sing N N 167 
LYS CB  CG   sing N N 168 
LYS CB  HB2  sing N N 169 
LYS CB  HB3  sing N N 170 
LYS CG  CD   sing N N 171 
LYS CG  HG2  sing N N 172 
LYS CG  HG3  sing N N 173 
LYS CD  CE   sing N N 174 
LYS CD  HD2  sing N N 175 
LYS CD  HD3  sing N N 176 
LYS CE  NZ   sing N N 177 
LYS CE  HE2  sing N N 178 
LYS CE  HE3  sing N N 179 
LYS NZ  HZ1  sing N N 180 
LYS NZ  HZ2  sing N N 181 
LYS NZ  HZ3  sing N N 182 
LYS OXT HXT  sing N N 183 
MET N   CA   sing N N 184 
MET N   H    sing N N 185 
MET N   H2   sing N N 186 
MET CA  C    sing N N 187 
MET CA  CB   sing N N 188 
MET CA  HA   sing N N 189 
MET C   O    doub N N 190 
MET C   OXT  sing N N 191 
MET CB  CG   sing N N 192 
MET CB  HB2  sing N N 193 
MET CB  HB3  sing N N 194 
MET CG  SD   sing N N 195 
MET CG  HG2  sing N N 196 
MET CG  HG3  sing N N 197 
MET SD  CE   sing N N 198 
MET CE  HE1  sing N N 199 
MET CE  HE2  sing N N 200 
MET CE  HE3  sing N N 201 
MET OXT HXT  sing N N 202 
PHE N   CA   sing N N 203 
PHE N   H    sing N N 204 
PHE N   H2   sing N N 205 
PHE CA  C    sing N N 206 
PHE CA  CB   sing N N 207 
PHE CA  HA   sing N N 208 
PHE C   O    doub N N 209 
PHE C   OXT  sing N N 210 
PHE CB  CG   sing N N 211 
PHE CB  HB2  sing N N 212 
PHE CB  HB3  sing N N 213 
PHE CG  CD1  doub Y N 214 
PHE CG  CD2  sing Y N 215 
PHE CD1 CE1  sing Y N 216 
PHE CD1 HD1  sing N N 217 
PHE CD2 CE2  doub Y N 218 
PHE CD2 HD2  sing N N 219 
PHE CE1 CZ   doub Y N 220 
PHE CE1 HE1  sing N N 221 
PHE CE2 CZ   sing Y N 222 
PHE CE2 HE2  sing N N 223 
PHE CZ  HZ   sing N N 224 
PHE OXT HXT  sing N N 225 
PRO N   CA   sing N N 226 
PRO N   CD   sing N N 227 
PRO N   H    sing N N 228 
PRO CA  C    sing N N 229 
PRO CA  CB   sing N N 230 
PRO CA  HA   sing N N 231 
PRO C   O    doub N N 232 
PRO C   OXT  sing N N 233 
PRO CB  CG   sing N N 234 
PRO CB  HB2  sing N N 235 
PRO CB  HB3  sing N N 236 
PRO CG  CD   sing N N 237 
PRO CG  HG2  sing N N 238 
PRO CG  HG3  sing N N 239 
PRO CD  HD2  sing N N 240 
PRO CD  HD3  sing N N 241 
PRO OXT HXT  sing N N 242 
SER N   CA   sing N N 243 
SER N   H    sing N N 244 
SER N   H2   sing N N 245 
SER CA  C    sing N N 246 
SER CA  CB   sing N N 247 
SER CA  HA   sing N N 248 
SER C   O    doub N N 249 
SER C   OXT  sing N N 250 
SER CB  OG   sing N N 251 
SER CB  HB2  sing N N 252 
SER CB  HB3  sing N N 253 
SER OG  HG   sing N N 254 
SER OXT HXT  sing N N 255 
SO4 S   O1   doub N N 256 
SO4 S   O2   doub N N 257 
SO4 S   O3   sing N N 258 
SO4 S   O4   sing N N 259 
THR N   CA   sing N N 260 
THR N   H    sing N N 261 
THR N   H2   sing N N 262 
THR CA  C    sing N N 263 
THR CA  CB   sing N N 264 
THR CA  HA   sing N N 265 
THR C   O    doub N N 266 
THR C   OXT  sing N N 267 
THR CB  OG1  sing N N 268 
THR CB  CG2  sing N N 269 
THR CB  HB   sing N N 270 
THR OG1 HG1  sing N N 271 
THR CG2 HG21 sing N N 272 
THR CG2 HG22 sing N N 273 
THR CG2 HG23 sing N N 274 
THR OXT HXT  sing N N 275 
TRP N   CA   sing N N 276 
TRP N   H    sing N N 277 
TRP N   H2   sing N N 278 
TRP CA  C    sing N N 279 
TRP CA  CB   sing N N 280 
TRP CA  HA   sing N N 281 
TRP C   O    doub N N 282 
TRP C   OXT  sing N N 283 
TRP CB  CG   sing N N 284 
TRP CB  HB2  sing N N 285 
TRP CB  HB3  sing N N 286 
TRP CG  CD1  doub Y N 287 
TRP CG  CD2  sing Y N 288 
TRP CD1 NE1  sing Y N 289 
TRP CD1 HD1  sing N N 290 
TRP CD2 CE2  doub Y N 291 
TRP CD2 CE3  sing Y N 292 
TRP NE1 CE2  sing Y N 293 
TRP NE1 HE1  sing N N 294 
TRP CE2 CZ2  sing Y N 295 
TRP CE3 CZ3  doub Y N 296 
TRP CE3 HE3  sing N N 297 
TRP CZ2 CH2  doub Y N 298 
TRP CZ2 HZ2  sing N N 299 
TRP CZ3 CH2  sing Y N 300 
TRP CZ3 HZ3  sing N N 301 
TRP CH2 HH2  sing N N 302 
TRP OXT HXT  sing N N 303 
TYR N   CA   sing N N 304 
TYR N   H    sing N N 305 
TYR N   H2   sing N N 306 
TYR CA  C    sing N N 307 
TYR CA  CB   sing N N 308 
TYR CA  HA   sing N N 309 
TYR C   O    doub N N 310 
TYR C   OXT  sing N N 311 
TYR CB  CG   sing N N 312 
TYR CB  HB2  sing N N 313 
TYR CB  HB3  sing N N 314 
TYR CG  CD1  doub Y N 315 
TYR CG  CD2  sing Y N 316 
TYR CD1 CE1  sing Y N 317 
TYR CD1 HD1  sing N N 318 
TYR CD2 CE2  doub Y N 319 
TYR CD2 HD2  sing N N 320 
TYR CE1 CZ   doub Y N 321 
TYR CE1 HE1  sing N N 322 
TYR CE2 CZ   sing Y N 323 
TYR CE2 HE2  sing N N 324 
TYR CZ  OH   sing N N 325 
TYR OH  HH   sing N N 326 
TYR OXT HXT  sing N N 327 
VAL N   CA   sing N N 328 
VAL N   H    sing N N 329 
VAL N   H2   sing N N 330 
VAL CA  C    sing N N 331 
VAL CA  CB   sing N N 332 
VAL CA  HA   sing N N 333 
VAL C   O    doub N N 334 
VAL C   OXT  sing N N 335 
VAL CB  CG1  sing N N 336 
VAL CB  CG2  sing N N 337 
VAL CB  HB   sing N N 338 
VAL CG1 HG11 sing N N 339 
VAL CG1 HG12 sing N N 340 
VAL CG1 HG13 sing N N 341 
VAL CG2 HG21 sing N N 342 
VAL CG2 HG22 sing N N 343 
VAL CG2 HG23 sing N N 344 
VAL OXT HXT  sing N N 345 
# 
loop_
_pdbx_entity_nonpoly.entity_id 
_pdbx_entity_nonpoly.name 
_pdbx_entity_nonpoly.comp_id 
3 'SULFATE ION' SO4 
4 water         HOH 
# 
_pdbx_initial_refinement_model.id               1 
_pdbx_initial_refinement_model.entity_id_list   ? 
_pdbx_initial_refinement_model.type             'experimental model' 
_pdbx_initial_refinement_model.source_name      PDB 
_pdbx_initial_refinement_model.accession_code   2CI2 
_pdbx_initial_refinement_model.details          'PDB ENTRY 2CI2' 
# 
